data_6BUY
#
_entry.id   6BUY
#
_cell.length_a   260.606
_cell.length_b   62.733
_cell.length_c   81.636
_cell.angle_alpha   90.00
_cell.angle_beta   100.26
_cell.angle_gamma   90.00
#
_symmetry.space_group_name_H-M   'C 1 2 1'
#
loop_
_entity.id
_entity.type
_entity.pdbx_description
1 polymer 'Aminopeptidase N'
2 branched 2-acetamido-2-deoxy-beta-D-glucopyranose-(1-4)-2-acetamido-2-deoxy-beta-D-glucopyranose-(1-4)-2-acetamido-2-deoxy-beta-D-glucopyranose
3 branched 2-acetamido-2-deoxy-beta-D-glucopyranose-(1-4)-2-acetamido-2-deoxy-beta-D-glucopyranose
4 non-polymer 2-acetamido-2-deoxy-beta-D-glucopyranose
5 non-polymer GLYCINE
6 non-polymer 'SULFATE ION'
7 non-polymer 'ZINC ION'
8 water water
#
_entity_poly.entity_id   1
_entity_poly.type   'polypeptide(L)'
_entity_poly.pdbx_seq_one_letter_code
;QSKPWNRYRLPTTLLPDSYNVTLRPYLTPNADGLYIFKGKSIVRFLCQEPTDVIIIHSKKLNYTTQGHMVVLRGVGDSQV
PEIDRTELVELTEYLVVHLKGSLQPGHMYEMESEFQGELADDLAGFYRSEYMEGNVKKVLATTQMQSTDARKSFPCFDEP
AMKATFNITLIHPNNLTALSNMPPKGSSTPLAEDPNWSVTEFETTPVMSTYLLAYIVSEFQSVNETAQNGVLIRIWARPN
AIAEGHGMYALNVTGPILNFFANHYNTSYPLPKSDQIALPDFNAGAMENWGLVTYRENALLFDPQSSSISNKERVVTVIA
HELAHQWFGNLVTLAWWNDLWLNEGFASYVEYLGADHAEPTWNLKDLIVPGDVYRVMAVDALASSHPLTTPAEEVNTPAQ
ISEMFDSISYSKGASVIRMLSNFLTEDLFKEGLASYLHAFAYQNTTYLDLWEHLQKAVDAQTSIRLPDTVRAIMDRWTLQ
MGFPVITVDTKTGNISQKHFLLDSESNVTRSSAFDYLWIVPISSIKNGVMQDHYWLRDVSQAQNDLFKTASDDWVLLNVN
VTGYFQVNYDEDNWRMIQHQLQTNLSVIPVINRAQVIYDSFNLATAHMVPVTLALDNTLFLNGEKEYMPWQAALSSLSYF
SLMFDRSEVYGPMKKYLRKQVEPLFQHFETLTKNWTERPENLMDQYSEINAISTACSNGLPQCENLAKTLFDQWMSDPEN
NPIHPNLRSTIYCNAIAQGGQDQWDFAWGQLQQAQLVNEADKLRSALACSNEVWLLNRYLGYTLNPDLIRKQDATSTINS
IASNVIGQPLAWDFVQSNWKKLFQDYGGGSFSFSNLIQGVTRRFSSEFELQQLEQFKKNNMDVGFGSGTRALEQALEKTK
ANIKWVKENKEVVLNWFIEHSS
;
_entity_poly.pdbx_strand_id   A
#
loop_
_chem_comp.id
_chem_comp.type
_chem_comp.name
_chem_comp.formula
NAG D-saccharide, beta linking 2-acetamido-2-deoxy-beta-D-glucopyranose 'C8 H15 N O6'
SO4 non-polymer 'SULFATE ION' 'O4 S -2'
ZN non-polymer 'ZINC ION' 'Zn 2'
#
# COMPACT_ATOMS: atom_id res chain seq x y z
N GLN A 1 -37.73 -7.32 -20.64
CA GLN A 1 -36.26 -7.00 -20.69
C GLN A 1 -35.99 -5.73 -19.83
N SER A 2 -34.83 -5.64 -19.22
CA SER A 2 -34.45 -4.41 -18.51
C SER A 2 -33.91 -3.34 -19.48
N LYS A 3 -34.10 -2.06 -19.10
CA LYS A 3 -33.66 -0.96 -19.95
C LYS A 3 -32.15 -0.83 -19.73
N PRO A 4 -31.38 -0.69 -20.82
CA PRO A 4 -29.92 -0.70 -20.68
C PRO A 4 -29.38 0.41 -19.75
N TRP A 5 -30.10 1.54 -19.65
CA TRP A 5 -29.67 2.63 -18.80
C TRP A 5 -29.85 2.32 -17.30
N ASN A 6 -30.50 1.20 -17.00
CA ASN A 6 -30.60 0.74 -15.62
C ASN A 6 -29.62 -0.40 -15.31
N ARG A 7 -28.77 -0.74 -16.28
CA ARG A 7 -27.67 -1.71 -16.08
C ARG A 7 -26.35 -0.97 -15.82
N TYR A 8 -25.55 -1.50 -14.94
CA TYR A 8 -24.28 -0.86 -14.57
C TYR A 8 -23.17 -0.91 -15.61
N ARG A 9 -23.18 -1.95 -16.45
CA ARG A 9 -22.22 -2.05 -17.53
C ARG A 9 -22.75 -1.37 -18.79
N LEU A 10 -21.89 -0.66 -19.49
CA LEU A 10 -22.25 0.00 -20.75
C LEU A 10 -22.63 -0.99 -21.85
N PRO A 11 -23.51 -0.60 -22.76
CA PRO A 11 -23.65 -1.36 -24.00
C PRO A 11 -22.35 -1.45 -24.78
N THR A 12 -22.25 -2.42 -25.69
CA THR A 12 -21.13 -2.52 -26.59
C THR A 12 -21.46 -2.08 -28.00
N THR A 13 -22.61 -1.42 -28.16
CA THR A 13 -23.08 -0.94 -29.41
C THR A 13 -22.32 0.26 -29.96
N LEU A 14 -21.73 1.06 -29.08
CA LEU A 14 -20.99 2.22 -29.45
C LEU A 14 -19.62 2.22 -28.78
N LEU A 15 -18.57 2.45 -29.57
CA LEU A 15 -17.24 2.55 -29.04
C LEU A 15 -16.61 3.90 -29.36
N PRO A 16 -15.92 4.49 -28.38
CA PRO A 16 -15.33 5.82 -28.56
C PRO A 16 -14.09 5.70 -29.45
N ASP A 17 -13.85 6.72 -30.26
CA ASP A 17 -12.62 6.86 -31.07
C ASP A 17 -11.66 7.85 -30.44
N SER A 18 -12.19 9.02 -30.12
CA SER A 18 -11.39 10.14 -29.65
C SER A 18 -12.26 11.24 -29.02
N TYR A 19 -11.67 11.95 -28.07
CA TYR A 19 -12.31 13.00 -27.31
C TYR A 19 -11.48 14.32 -27.43
N ASN A 20 -12.19 15.44 -27.54
CA ASN A 20 -11.71 16.75 -27.17
C ASN A 20 -12.32 17.11 -25.83
N VAL A 21 -11.49 17.51 -24.90
CA VAL A 21 -11.98 17.97 -23.62
C VAL A 21 -11.25 19.26 -23.23
N THR A 22 -12.04 20.27 -22.91
CA THR A 22 -11.55 21.55 -22.42
C THR A 22 -12.10 21.78 -21.03
N LEU A 23 -11.21 21.90 -20.07
CA LEU A 23 -11.64 22.13 -18.67
C LEU A 23 -11.13 23.50 -18.16
N ARG A 24 -11.94 24.12 -17.31
CA ARG A 24 -11.61 25.42 -16.77
C ARG A 24 -11.96 25.46 -15.29
N PRO A 25 -10.99 25.27 -14.41
CA PRO A 25 -11.25 25.40 -12.99
C PRO A 25 -11.30 26.93 -12.58
N TYR A 26 -12.22 27.25 -11.72
CA TYR A 26 -12.30 28.55 -11.06
C TYR A 26 -11.81 28.41 -9.62
N LEU A 27 -10.54 28.78 -9.39
CA LEU A 27 -9.87 28.57 -8.15
C LEU A 27 -10.24 29.65 -7.12
N THR A 28 -11.10 30.57 -7.53
CA THR A 28 -11.69 31.57 -6.64
C THR A 28 -13.16 31.22 -6.36
N PRO A 29 -13.53 31.05 -5.09
CA PRO A 29 -14.89 30.67 -4.76
C PRO A 29 -15.91 31.71 -5.22
N ASN A 30 -17.16 31.27 -5.39
CA ASN A 30 -18.23 32.14 -5.88
C ASN A 30 -18.95 32.95 -4.86
N ALA A 31 -18.44 33.08 -3.61
CA ALA A 31 -19.07 34.07 -2.70
C ALA A 31 -19.93 33.44 -1.60
N ASP A 32 -20.70 32.43 -1.99
CA ASP A 32 -21.29 31.47 -1.05
C ASP A 32 -20.24 30.47 -0.63
N GLY A 33 -19.07 30.54 -1.28
CA GLY A 33 -17.92 29.72 -0.92
C GLY A 33 -17.86 28.48 -1.80
N LEU A 34 -18.61 28.49 -2.92
CA LEU A 34 -18.60 27.37 -3.86
C LEU A 34 -17.52 27.51 -4.92
N TYR A 35 -16.66 26.46 -5.05
CA TYR A 35 -15.73 26.40 -6.17
C TYR A 35 -16.34 25.58 -7.32
N ILE A 36 -16.22 26.04 -8.54
CA ILE A 36 -16.69 25.30 -9.71
C ILE A 36 -15.63 25.13 -10.79
N PHE A 37 -15.87 24.18 -11.70
CA PHE A 37 -15.17 24.08 -12.95
C PHE A 37 -16.14 24.02 -14.09
N LYS A 38 -15.73 24.52 -15.23
CA LYS A 38 -16.58 24.46 -16.41
C LYS A 38 -15.85 23.58 -17.44
N GLY A 39 -16.58 22.96 -18.31
CA GLY A 39 -16.05 22.16 -19.33
C GLY A 39 -16.86 22.12 -20.60
N LYS A 40 -16.21 21.72 -21.67
CA LYS A 40 -16.83 21.47 -22.96
C LYS A 40 -16.12 20.21 -23.51
N SER A 41 -16.86 19.32 -24.10
CA SER A 41 -16.29 18.12 -24.64
C SER A 41 -16.96 17.71 -25.94
N ILE A 42 -16.20 17.12 -26.84
CA ILE A 42 -16.74 16.40 -27.96
C ILE A 42 -16.17 14.96 -27.97
N VAL A 43 -17.05 13.98 -28.03
CA VAL A 43 -16.64 12.59 -28.18
C VAL A 43 -17.04 12.10 -29.56
N ARG A 44 -16.07 11.59 -30.29
CA ARG A 44 -16.28 10.92 -31.52
C ARG A 44 -16.32 9.39 -31.22
N PHE A 45 -17.41 8.74 -31.61
CA PHE A 45 -17.60 7.31 -31.40
C PHE A 45 -18.09 6.64 -32.72
N LEU A 46 -17.89 5.36 -32.80
CA LEU A 46 -18.35 4.51 -33.92
C LEU A 46 -19.49 3.61 -33.48
N CYS A 47 -20.53 3.56 -34.28
CA CYS A 47 -21.60 2.59 -34.11
C CYS A 47 -21.18 1.21 -34.57
N GLN A 48 -21.25 0.25 -33.65
CA GLN A 48 -20.99 -1.18 -34.00
C GLN A 48 -22.25 -1.91 -34.35
N GLU A 49 -23.32 -1.67 -33.61
CA GLU A 49 -24.63 -2.31 -33.80
C GLU A 49 -25.68 -1.21 -33.79
N PRO A 50 -26.69 -1.31 -34.65
CA PRO A 50 -27.72 -0.31 -34.66
C PRO A 50 -28.34 -0.10 -33.29
N THR A 51 -28.54 1.16 -32.88
CA THR A 51 -29.18 1.47 -31.62
C THR A 51 -29.78 2.89 -31.70
N ASP A 52 -30.88 3.10 -30.99
CA ASP A 52 -31.57 4.39 -30.95
C ASP A 52 -31.36 5.09 -29.61
N VAL A 53 -30.29 4.69 -28.92
CA VAL A 53 -29.98 5.30 -27.62
C VAL A 53 -28.46 5.39 -27.42
N ILE A 54 -28.00 6.52 -26.93
CA ILE A 54 -26.61 6.72 -26.62
C ILE A 54 -26.55 6.77 -25.09
N ILE A 55 -25.76 5.86 -24.52
CA ILE A 55 -25.59 5.79 -23.11
C ILE A 55 -24.07 6.01 -22.81
N ILE A 56 -23.81 7.02 -22.02
CA ILE A 56 -22.46 7.46 -21.71
C ILE A 56 -22.46 7.81 -20.21
N HIS A 57 -21.30 7.73 -19.55
CA HIS A 57 -21.23 8.05 -18.14
C HIS A 57 -21.21 9.56 -17.88
N SER A 58 -21.89 9.98 -16.83
CA SER A 58 -21.88 11.33 -16.31
C SER A 58 -22.17 11.30 -14.78
N LYS A 59 -21.40 12.03 -14.01
CA LYS A 59 -21.52 12.06 -12.56
C LYS A 59 -21.39 13.46 -11.98
N LYS A 60 -22.46 13.94 -11.35
CA LYS A 60 -22.42 15.26 -10.70
C LYS A 60 -22.05 16.44 -11.64
N LEU A 61 -22.52 16.34 -12.86
CA LEU A 61 -22.38 17.36 -13.87
C LEU A 61 -23.73 17.99 -14.22
N ASN A 62 -23.77 19.31 -14.21
CA ASN A 62 -24.85 20.08 -14.73
C ASN A 62 -24.50 20.46 -16.20
N TYR A 63 -25.46 20.33 -17.09
CA TYR A 63 -25.28 20.60 -18.48
C TYR A 63 -25.81 21.98 -18.84
N THR A 64 -25.06 22.73 -19.60
CA THR A 64 -25.49 24.02 -20.12
C THR A 64 -25.47 24.09 -21.66
N THR A 65 -25.27 22.96 -22.31
CA THR A 65 -25.41 22.82 -23.73
C THR A 65 -26.67 23.49 -24.29
N GLN A 66 -26.53 24.17 -25.43
CA GLN A 66 -27.67 24.81 -26.09
C GLN A 66 -28.63 23.67 -26.59
N GLY A 67 -29.90 23.77 -26.25
CA GLY A 67 -30.88 22.76 -26.66
C GLY A 67 -31.02 21.62 -25.66
N HIS A 68 -30.85 20.39 -26.12
CA HIS A 68 -30.75 19.23 -25.22
C HIS A 68 -29.39 19.28 -24.49
N MET A 69 -29.13 18.29 -23.64
CA MET A 69 -27.89 18.22 -22.92
C MET A 69 -26.66 17.98 -23.83
N VAL A 70 -26.92 17.40 -24.98
CA VAL A 70 -25.87 17.23 -26.00
C VAL A 70 -26.33 17.78 -27.34
N VAL A 71 -25.40 18.03 -28.22
CA VAL A 71 -25.65 18.16 -29.64
C VAL A 71 -24.94 16.98 -30.31
N LEU A 72 -25.63 16.41 -31.30
CA LEU A 72 -25.20 15.19 -32.00
C LEU A 72 -24.99 15.43 -33.44
N ARG A 73 -23.82 15.12 -33.97
CA ARG A 73 -23.59 15.29 -35.40
C ARG A 73 -23.06 14.00 -36.04
N GLY A 74 -23.20 13.91 -37.37
CA GLY A 74 -22.55 12.87 -38.14
C GLY A 74 -21.15 13.28 -38.51
N VAL A 75 -20.23 12.33 -38.55
CA VAL A 75 -18.88 12.58 -39.01
C VAL A 75 -18.84 12.45 -40.56
N GLY A 76 -18.09 13.32 -41.22
CA GLY A 76 -18.02 13.28 -42.67
C GLY A 76 -19.42 13.58 -43.25
N ASP A 77 -19.90 12.68 -44.09
CA ASP A 77 -21.26 12.81 -44.66
C ASP A 77 -22.30 11.86 -44.09
N SER A 78 -22.06 11.36 -42.89
CA SER A 78 -23.07 10.59 -42.20
C SER A 78 -24.23 11.47 -41.71
N GLN A 79 -25.46 11.03 -41.97
CA GLN A 79 -26.62 11.65 -41.41
C GLN A 79 -26.73 11.22 -39.95
N VAL A 80 -27.42 12.03 -39.13
CA VAL A 80 -27.62 11.73 -37.72
C VAL A 80 -29.14 11.74 -37.44
N PRO A 81 -29.63 10.83 -36.59
CA PRO A 81 -31.03 11.00 -36.17
C PRO A 81 -31.22 12.22 -35.25
N GLU A 82 -32.45 12.70 -35.18
CA GLU A 82 -32.82 13.75 -34.24
C GLU A 82 -32.85 13.18 -32.82
N ILE A 83 -32.54 14.03 -31.86
CA ILE A 83 -32.67 13.68 -30.44
C ILE A 83 -34.16 13.79 -30.02
N ASP A 84 -34.65 12.78 -29.32
CA ASP A 84 -35.95 12.86 -28.64
C ASP A 84 -35.80 13.65 -27.32
N ARG A 85 -34.96 13.16 -26.42
CA ARG A 85 -34.73 13.78 -25.16
C ARG A 85 -33.42 13.26 -24.58
N THR A 86 -32.83 14.06 -23.72
CA THR A 86 -31.67 13.68 -22.95
C THR A 86 -32.08 13.69 -21.49
N GLU A 87 -31.67 12.70 -20.73
CA GLU A 87 -31.96 12.58 -19.33
C GLU A 87 -30.74 12.03 -18.58
N LEU A 88 -30.66 12.37 -17.31
CA LEU A 88 -29.62 11.90 -16.41
C LEU A 88 -30.18 10.81 -15.49
N VAL A 89 -29.51 9.66 -15.45
CA VAL A 89 -29.91 8.56 -14.58
C VAL A 89 -28.84 8.43 -13.50
N GLU A 90 -29.17 8.91 -12.31
CA GLU A 90 -28.14 9.09 -11.31
C GLU A 90 -27.52 7.77 -10.79
N LEU A 91 -28.34 6.75 -10.62
CA LEU A 91 -27.92 5.55 -9.93
C LEU A 91 -26.77 4.85 -10.67
N THR A 92 -26.95 4.63 -11.95
CA THR A 92 -25.99 4.03 -12.82
C THR A 92 -25.06 5.06 -13.46
N GLU A 93 -25.18 6.32 -13.04
CA GLU A 93 -24.26 7.40 -13.42
C GLU A 93 -24.17 7.59 -14.94
N TYR A 94 -25.31 7.73 -15.57
CA TYR A 94 -25.42 7.82 -17.01
C TYR A 94 -26.01 9.14 -17.49
N LEU A 95 -25.49 9.61 -18.59
CA LEU A 95 -26.23 10.52 -19.44
C LEU A 95 -26.87 9.66 -20.58
N VAL A 96 -28.17 9.83 -20.77
CA VAL A 96 -28.93 9.03 -21.69
C VAL A 96 -29.56 9.87 -22.81
N VAL A 97 -29.13 9.64 -24.04
CA VAL A 97 -29.60 10.34 -25.20
C VAL A 97 -30.53 9.47 -26.04
N HIS A 98 -31.83 9.71 -25.90
CA HIS A 98 -32.85 9.01 -26.64
C HIS A 98 -33.02 9.61 -28.01
N LEU A 99 -32.90 8.79 -29.04
CA LEU A 99 -33.01 9.26 -30.41
C LEU A 99 -34.37 8.88 -31.06
N LYS A 100 -34.74 9.62 -32.10
CA LYS A 100 -35.93 9.36 -32.89
C LYS A 100 -35.70 8.30 -33.93
N GLY A 101 -34.47 7.92 -34.20
CA GLY A 101 -34.15 6.84 -35.12
C GLY A 101 -32.85 6.16 -34.68
N SER A 102 -32.34 5.24 -35.50
CA SER A 102 -31.18 4.46 -35.15
C SER A 102 -29.91 4.94 -35.79
N LEU A 103 -28.84 4.92 -34.99
CA LEU A 103 -27.48 5.02 -35.51
C LEU A 103 -27.17 3.79 -36.37
N GLN A 104 -26.28 3.95 -37.35
CA GLN A 104 -26.00 2.93 -38.33
C GLN A 104 -24.60 2.32 -38.20
N PRO A 105 -24.50 0.97 -38.21
CA PRO A 105 -23.20 0.30 -38.05
C PRO A 105 -22.19 0.79 -39.03
N GLY A 106 -20.98 1.04 -38.61
CA GLY A 106 -19.90 1.54 -39.47
C GLY A 106 -19.83 3.07 -39.56
N HIS A 107 -20.88 3.75 -39.11
CA HIS A 107 -20.86 5.21 -39.12
C HIS A 107 -20.26 5.78 -37.83
N MET A 108 -19.58 6.92 -37.94
CA MET A 108 -19.02 7.63 -36.85
C MET A 108 -19.87 8.89 -36.52
N TYR A 109 -19.97 9.20 -35.24
CA TYR A 109 -20.72 10.34 -34.77
C TYR A 109 -19.89 11.17 -33.77
N GLU A 110 -20.18 12.44 -33.70
CA GLU A 110 -19.59 13.38 -32.74
C GLU A 110 -20.68 13.97 -31.81
N MET A 111 -20.50 13.84 -30.53
CA MET A 111 -21.43 14.28 -29.53
C MET A 111 -20.80 15.38 -28.67
N GLU A 112 -21.40 16.54 -28.67
CA GLU A 112 -20.82 17.71 -28.03
C GLU A 112 -21.67 18.12 -26.84
N SER A 113 -21.01 18.52 -25.77
CA SER A 113 -21.67 18.97 -24.58
C SER A 113 -20.94 20.12 -23.89
N GLU A 114 -21.70 20.85 -23.08
CA GLU A 114 -21.20 21.86 -22.18
C GLU A 114 -21.72 21.69 -20.79
N PHE A 115 -20.86 21.83 -19.81
CA PHE A 115 -21.17 21.36 -18.47
C PHE A 115 -20.35 22.07 -17.41
N GLN A 116 -20.78 21.92 -16.16
CA GLN A 116 -20.02 22.32 -15.02
C GLN A 116 -20.31 21.45 -13.80
N GLY A 117 -19.33 21.39 -12.91
CA GLY A 117 -19.43 20.66 -11.67
C GLY A 117 -18.75 21.44 -10.54
N GLU A 118 -18.90 20.95 -9.34
CA GLU A 118 -18.22 21.51 -8.21
C GLU A 118 -16.76 21.11 -8.28
N LEU A 119 -15.87 22.07 -8.07
CA LEU A 119 -14.49 21.78 -7.85
C LEU A 119 -14.25 21.57 -6.36
N ALA A 120 -14.69 20.41 -5.88
CA ALA A 120 -14.84 20.11 -4.49
C ALA A 120 -13.56 19.63 -3.86
N ASP A 121 -13.42 19.74 -2.55
CA ASP A 121 -12.20 19.22 -1.92
C ASP A 121 -12.43 17.77 -1.51
N ASP A 122 -12.68 16.92 -2.48
CA ASP A 122 -13.19 15.57 -2.24
C ASP A 122 -12.33 14.49 -2.90
N LEU A 123 -11.15 14.88 -3.41
CA LEU A 123 -10.20 13.95 -4.06
C LEU A 123 -10.82 13.01 -5.12
N ALA A 124 -11.79 13.51 -5.86
CA ALA A 124 -12.50 12.72 -6.84
C ALA A 124 -12.82 13.54 -8.09
N GLY A 125 -12.55 12.98 -9.25
CA GLY A 125 -12.71 13.65 -10.51
C GLY A 125 -11.71 14.83 -10.61
N PHE A 126 -12.21 15.93 -11.12
CA PHE A 126 -11.48 17.21 -11.15
C PHE A 126 -11.87 17.89 -9.82
N TYR A 127 -10.89 18.10 -8.97
CA TYR A 127 -11.15 18.51 -7.60
C TYR A 127 -10.12 19.55 -7.18
N ARG A 128 -10.36 20.19 -6.04
CA ARG A 128 -9.43 21.16 -5.50
C ARG A 128 -8.67 20.64 -4.28
N SER A 129 -7.44 21.12 -4.13
CA SER A 129 -6.61 20.89 -2.95
C SER A 129 -6.06 22.21 -2.41
N GLU A 130 -6.40 22.49 -1.14
CA GLU A 130 -5.99 23.72 -0.45
C GLU A 130 -4.77 23.45 0.40
N TYR A 131 -3.85 24.37 0.46
CA TYR A 131 -2.63 24.22 1.29
C TYR A 131 -2.00 25.59 1.54
N MET A 132 -1.06 25.65 2.48
CA MET A 132 -0.40 26.90 2.92
C MET A 132 1.00 27.20 2.35
N GLU A 133 1.18 28.41 1.86
CA GLU A 133 2.51 28.99 1.63
C GLU A 133 2.67 30.29 2.40
N GLY A 134 3.36 30.23 3.55
CA GLY A 134 3.47 31.38 4.47
C GLY A 134 2.09 31.69 5.02
N ASN A 135 1.66 32.93 4.85
CA ASN A 135 0.37 33.38 5.40
C ASN A 135 -0.78 33.08 4.46
N VAL A 136 -0.48 32.59 3.25
CA VAL A 136 -1.49 32.51 2.20
C VAL A 136 -1.99 31.06 2.06
N LYS A 137 -3.31 30.90 2.09
CA LYS A 137 -3.94 29.69 1.65
C LYS A 137 -3.91 29.60 0.11
N LYS A 138 -3.25 28.56 -0.40
CA LYS A 138 -3.17 28.33 -1.85
C LYS A 138 -4.19 27.23 -2.22
N VAL A 139 -4.76 27.34 -3.40
CA VAL A 139 -5.66 26.36 -3.95
C VAL A 139 -5.20 25.94 -5.34
N LEU A 140 -5.07 24.66 -5.57
CA LEU A 140 -4.79 24.11 -6.91
C LEU A 140 -5.90 23.16 -7.38
N ALA A 141 -5.94 22.89 -8.68
CA ALA A 141 -6.88 22.03 -9.28
C ALA A 141 -6.14 20.80 -9.82
N THR A 142 -6.65 19.61 -9.47
CA THR A 142 -6.00 18.38 -9.84
C THR A 142 -7.03 17.29 -10.06
N THR A 143 -6.56 16.10 -10.46
CA THR A 143 -7.47 15.00 -10.76
C THR A 143 -7.19 13.70 -9.99
N GLN A 144 -8.21 12.90 -9.83
CA GLN A 144 -8.09 11.50 -9.50
C GLN A 144 -9.30 10.77 -10.13
N MET A 145 -9.12 10.14 -11.28
CA MET A 145 -10.17 9.46 -11.98
C MET A 145 -10.39 8.03 -11.43
N GLN A 146 -9.33 7.46 -10.90
CA GLN A 146 -9.32 6.06 -10.44
C GLN A 146 -10.44 5.88 -9.37
N SER A 147 -11.38 4.96 -9.54
CA SER A 147 -11.57 4.11 -10.71
C SER A 147 -12.62 4.64 -11.70
N THR A 148 -13.68 5.16 -11.14
CA THR A 148 -14.84 5.51 -11.93
C THR A 148 -15.24 7.00 -11.79
N ASP A 149 -14.20 7.84 -11.71
CA ASP A 149 -14.39 9.27 -11.60
C ASP A 149 -14.02 10.17 -12.78
N ALA A 150 -13.60 9.60 -13.92
CA ALA A 150 -13.46 10.42 -15.12
C ALA A 150 -14.82 11.10 -15.52
N ARG A 151 -15.90 10.31 -15.41
CA ARG A 151 -17.23 10.74 -15.67
C ARG A 151 -17.72 11.94 -14.81
N LYS A 152 -17.00 12.17 -13.73
CA LYS A 152 -17.27 13.27 -12.80
C LYS A 152 -16.64 14.58 -13.33
N SER A 153 -15.70 14.46 -14.28
CA SER A 153 -15.09 15.60 -14.90
C SER A 153 -15.59 15.99 -16.28
N PHE A 154 -16.04 15.00 -17.03
CA PHE A 154 -16.62 15.15 -18.35
C PHE A 154 -17.33 13.87 -18.73
N PRO A 155 -18.33 13.97 -19.62
CA PRO A 155 -19.09 12.79 -20.02
C PRO A 155 -18.22 11.87 -20.90
N CYS A 156 -18.14 10.60 -20.53
CA CYS A 156 -17.27 9.67 -21.23
C CYS A 156 -17.74 8.22 -21.05
N PHE A 157 -17.28 7.37 -21.95
CA PHE A 157 -17.52 5.92 -21.86
C PHE A 157 -16.51 5.38 -20.87
N ASP A 158 -16.84 5.42 -19.61
CA ASP A 158 -15.89 5.38 -18.53
C ASP A 158 -15.69 3.91 -18.00
N GLU A 159 -15.23 3.06 -18.90
CA GLU A 159 -14.78 1.67 -18.59
C GLU A 159 -13.38 1.50 -19.21
N PRO A 160 -12.49 0.81 -18.47
CA PRO A 160 -11.07 0.73 -18.88
C PRO A 160 -10.73 0.12 -20.30
N ALA A 161 -11.54 -0.76 -20.81
CA ALA A 161 -11.34 -1.32 -22.14
C ALA A 161 -11.77 -0.39 -23.30
N MET A 162 -12.56 0.63 -22.98
CA MET A 162 -13.06 1.55 -24.02
C MET A 162 -12.11 2.74 -24.22
N LYS A 163 -10.97 2.43 -24.76
CA LYS A 163 -9.84 3.27 -24.87
C LYS A 163 -10.05 4.22 -26.09
N ALA A 164 -9.39 5.36 -26.05
CA ALA A 164 -9.49 6.36 -27.07
C ALA A 164 -8.33 7.32 -26.93
N THR A 165 -8.18 8.20 -27.88
CA THR A 165 -7.20 9.27 -27.76
C THR A 165 -7.89 10.47 -27.12
N PHE A 166 -7.14 11.29 -26.42
CA PHE A 166 -7.69 12.48 -25.78
C PHE A 166 -6.88 13.74 -26.14
N ASN A 167 -7.59 14.79 -26.55
CA ASN A 167 -7.06 16.11 -26.74
C ASN A 167 -7.57 17.02 -25.63
N ILE A 168 -6.69 17.30 -24.69
CA ILE A 168 -7.00 18.03 -23.51
C ILE A 168 -6.57 19.48 -23.69
N THR A 169 -7.45 20.41 -23.31
CA THR A 169 -7.13 21.80 -23.17
C THR A 169 -7.51 22.25 -21.76
N LEU A 170 -6.64 23.01 -21.11
CA LEU A 170 -6.91 23.68 -19.86
C LEU A 170 -6.99 25.15 -20.05
N ILE A 171 -8.03 25.76 -19.47
CA ILE A 171 -8.14 27.22 -19.37
C ILE A 171 -7.92 27.62 -17.91
N HIS A 172 -6.90 28.43 -17.65
CA HIS A 172 -6.38 28.64 -16.33
C HIS A 172 -5.86 30.08 -16.15
N PRO A 173 -5.74 30.52 -14.89
CA PRO A 173 -5.12 31.86 -14.64
C PRO A 173 -3.72 31.89 -15.24
N ASN A 174 -3.37 33.02 -15.81
CA ASN A 174 -2.22 33.07 -16.69
C ASN A 174 -0.87 33.02 -15.98
N ASN A 175 -0.87 33.17 -14.67
CA ASN A 175 0.34 32.95 -13.90
C ASN A 175 0.49 31.56 -13.27
N LEU A 176 -0.37 30.64 -13.67
CA LEU A 176 -0.32 29.25 -13.18
C LEU A 176 0.14 28.31 -14.26
N THR A 177 0.75 27.21 -13.87
CA THR A 177 1.23 26.20 -14.82
C THR A 177 0.15 25.08 -14.96
N ALA A 178 -0.05 24.65 -16.20
CA ALA A 178 -1.00 23.64 -16.53
C ALA A 178 -0.25 22.42 -17.05
N LEU A 179 -0.61 21.25 -16.53
CA LEU A 179 0.03 19.96 -16.84
C LEU A 179 -1.05 18.92 -17.18
N SER A 180 -0.71 18.01 -18.10
CA SER A 180 -1.58 16.90 -18.41
C SER A 180 -0.73 15.67 -18.77
N ASN A 181 -1.38 14.60 -19.24
CA ASN A 181 -0.70 13.37 -19.63
C ASN A 181 0.47 13.60 -20.60
N MET A 182 0.18 14.47 -21.56
CA MET A 182 1.06 14.74 -22.69
C MET A 182 1.77 16.10 -22.53
N PRO A 183 2.81 16.34 -23.31
CA PRO A 183 3.38 17.71 -23.30
C PRO A 183 2.36 18.73 -23.85
N PRO A 184 2.50 19.99 -23.42
CA PRO A 184 1.80 21.08 -24.10
C PRO A 184 2.20 21.16 -25.57
N LYS A 185 1.25 21.55 -26.39
CA LYS A 185 1.46 21.71 -27.86
C LYS A 185 2.44 22.83 -28.21
N GLY A 186 2.36 23.89 -27.46
CA GLY A 186 3.33 24.96 -27.53
C GLY A 186 2.99 25.91 -26.40
N SER A 187 3.30 27.19 -26.59
CA SER A 187 3.11 28.17 -25.55
C SER A 187 1.62 28.37 -25.35
N SER A 188 1.23 28.67 -24.14
CA SER A 188 -0.15 29.06 -23.84
C SER A 188 -0.49 30.39 -24.50
N THR A 189 -1.75 30.59 -24.84
CA THR A 189 -2.24 31.82 -25.41
C THR A 189 -3.33 32.43 -24.52
N PRO A 190 -3.53 33.77 -24.62
CA PRO A 190 -4.56 34.40 -23.77
C PRO A 190 -5.96 33.96 -24.18
N LEU A 191 -6.83 33.80 -23.21
CA LEU A 191 -8.24 33.58 -23.49
C LEU A 191 -8.83 34.91 -23.97
N ALA A 192 -9.36 34.91 -25.19
CA ALA A 192 -9.86 36.17 -25.83
C ALA A 192 -10.89 36.90 -24.95
N GLU A 193 -11.80 36.15 -24.36
CA GLU A 193 -12.84 36.76 -23.55
C GLU A 193 -12.35 37.31 -22.23
N ASP A 194 -11.25 36.80 -21.72
CA ASP A 194 -10.66 37.39 -20.50
C ASP A 194 -9.16 37.02 -20.44
N PRO A 195 -8.27 37.92 -20.92
CA PRO A 195 -6.82 37.64 -21.01
C PRO A 195 -6.09 37.45 -19.69
N ASN A 196 -6.78 37.64 -18.58
CA ASN A 196 -6.22 37.17 -17.30
C ASN A 196 -6.09 35.64 -17.24
N TRP A 197 -6.84 34.98 -18.07
CA TRP A 197 -6.76 33.53 -18.26
C TRP A 197 -5.91 33.20 -19.48
N SER A 198 -5.32 32.02 -19.48
CA SER A 198 -4.59 31.47 -20.58
C SER A 198 -5.17 30.10 -21.02
N VAL A 199 -4.84 29.71 -22.24
CA VAL A 199 -5.24 28.48 -22.82
C VAL A 199 -4.01 27.61 -23.13
N THR A 200 -3.97 26.42 -22.54
CA THR A 200 -2.94 25.46 -22.80
C THR A 200 -3.54 24.17 -23.42
N GLU A 201 -3.18 23.91 -24.65
CA GLU A 201 -3.55 22.68 -25.33
C GLU A 201 -2.39 21.66 -25.21
N PHE A 202 -2.75 20.40 -25.09
CA PHE A 202 -1.76 19.33 -24.96
C PHE A 202 -1.80 18.46 -26.23
N GLU A 203 -0.67 17.85 -26.56
CA GLU A 203 -0.63 16.88 -27.64
C GLU A 203 -1.63 15.72 -27.34
N THR A 204 -2.17 15.18 -28.40
CA THR A 204 -3.00 14.00 -28.36
C THR A 204 -2.35 12.83 -27.58
N THR A 205 -3.10 12.25 -26.66
CA THR A 205 -2.65 11.06 -25.97
C THR A 205 -2.57 9.90 -26.95
N PRO A 206 -1.79 8.88 -26.62
CA PRO A 206 -2.08 7.59 -27.23
C PRO A 206 -3.48 7.05 -26.86
N VAL A 207 -3.90 5.99 -27.53
CA VAL A 207 -5.09 5.26 -27.20
C VAL A 207 -4.91 4.80 -25.73
N MET A 208 -5.89 5.14 -24.88
CA MET A 208 -5.76 4.98 -23.44
C MET A 208 -7.11 4.96 -22.71
N SER A 209 -7.10 4.58 -21.47
CA SER A 209 -8.26 4.43 -20.65
C SER A 209 -8.54 5.80 -19.94
N THR A 210 -9.80 6.11 -19.78
CA THR A 210 -10.29 7.24 -18.99
C THR A 210 -9.75 7.34 -17.57
N TYR A 211 -9.63 6.16 -16.89
CA TYR A 211 -9.22 6.22 -15.48
C TYR A 211 -7.75 6.69 -15.32
N LEU A 212 -7.02 6.79 -16.44
CA LEU A 212 -5.60 7.21 -16.41
C LEU A 212 -5.33 8.67 -16.84
N LEU A 213 -6.40 9.36 -17.20
CA LEU A 213 -6.28 10.81 -17.50
C LEU A 213 -5.91 11.63 -16.28
N ALA A 214 -5.13 12.69 -16.50
CA ALA A 214 -4.84 13.64 -15.45
C ALA A 214 -4.68 15.07 -16.00
N TYR A 215 -5.04 16.04 -15.20
CA TYR A 215 -4.74 17.44 -15.52
C TYR A 215 -4.70 18.29 -14.26
N ILE A 216 -3.70 19.17 -14.20
CA ILE A 216 -3.39 19.87 -13.03
C ILE A 216 -3.10 21.35 -13.32
N VAL A 217 -3.69 22.24 -12.52
CA VAL A 217 -3.38 23.65 -12.56
C VAL A 217 -2.88 24.07 -11.19
N SER A 218 -1.67 24.62 -11.12
CA SER A 218 -1.01 25.02 -9.87
C SER A 218 0.11 26.03 -10.07
N GLU A 219 0.68 26.48 -8.95
CA GLU A 219 1.91 27.29 -8.93
C GLU A 219 3.20 26.47 -8.85
N PHE A 220 3.10 25.17 -9.04
CA PHE A 220 4.22 24.28 -8.79
C PHE A 220 5.40 24.53 -9.72
N GLN A 221 6.59 24.29 -9.21
CA GLN A 221 7.81 24.28 -9.97
C GLN A 221 8.42 22.88 -10.01
N SER A 222 9.46 22.73 -10.82
CA SER A 222 10.03 21.43 -11.10
C SER A 222 11.56 21.40 -11.07
N VAL A 223 12.13 20.25 -10.82
CA VAL A 223 13.48 19.92 -11.27
C VAL A 223 13.38 18.93 -12.49
N ASN A 224 14.32 19.01 -13.38
CA ASN A 224 14.26 18.45 -14.72
C ASN A 224 15.54 17.62 -15.01
N GLU A 225 15.37 16.65 -15.85
CA GLU A 225 16.46 15.94 -16.48
C GLU A 225 15.99 15.47 -17.87
N THR A 226 16.85 15.61 -18.86
CA THR A 226 16.59 15.05 -20.17
C THR A 226 17.38 13.78 -20.26
N ALA A 227 16.72 12.64 -20.29
CA ALA A 227 17.40 11.35 -20.58
C ALA A 227 18.06 11.39 -21.97
N GLN A 228 19.03 10.48 -22.13
CA GLN A 228 19.79 10.32 -23.42
C GLN A 228 18.90 10.27 -24.65
N ASN A 229 17.78 9.56 -24.52
CA ASN A 229 16.86 9.36 -25.63
C ASN A 229 15.83 10.47 -25.75
N GLY A 230 16.06 11.59 -25.08
CA GLY A 230 15.27 12.81 -25.30
C GLY A 230 14.04 12.88 -24.40
N VAL A 231 13.74 11.79 -23.69
CA VAL A 231 12.63 11.80 -22.72
C VAL A 231 12.87 12.81 -21.60
N LEU A 232 11.99 13.78 -21.51
CA LEU A 232 12.07 14.79 -20.49
C LEU A 232 11.45 14.24 -19.17
N ILE A 233 12.20 14.35 -18.11
CA ILE A 233 11.84 13.88 -16.77
C ILE A 233 11.72 15.07 -15.83
N ARG A 234 10.55 15.27 -15.23
CA ARG A 234 10.37 16.30 -14.23
C ARG A 234 9.76 15.81 -12.96
N ILE A 235 10.24 16.35 -11.86
CA ILE A 235 9.61 16.25 -10.54
C ILE A 235 8.99 17.62 -10.18
N TRP A 236 7.69 17.63 -9.92
CA TRP A 236 6.93 18.84 -9.61
C TRP A 236 6.57 18.88 -8.15
N ALA A 237 6.67 20.04 -7.54
CA ALA A 237 6.27 20.22 -6.15
C ALA A 237 6.05 21.70 -5.86
N ARG A 238 5.57 21.96 -4.66
CA ARG A 238 5.50 23.31 -4.11
C ARG A 238 6.84 24.06 -4.28
N PRO A 239 6.76 25.32 -4.71
CA PRO A 239 7.96 26.15 -4.85
C PRO A 239 8.94 26.05 -3.68
N ASN A 240 8.46 26.14 -2.44
CA ASN A 240 9.36 26.06 -1.30
C ASN A 240 10.03 24.66 -1.18
N ALA A 241 9.29 23.59 -1.49
CA ALA A 241 9.86 22.26 -1.46
C ALA A 241 10.96 22.09 -2.51
N ILE A 242 10.73 22.63 -3.68
CA ILE A 242 11.69 22.53 -4.75
C ILE A 242 12.96 23.33 -4.39
N ALA A 243 12.75 24.56 -3.90
CA ALA A 243 13.88 25.36 -3.45
C ALA A 243 14.75 24.70 -2.36
N GLU A 244 14.16 23.85 -1.53
CA GLU A 244 14.91 23.18 -0.45
C GLU A 244 15.61 21.92 -0.95
N GLY A 245 15.37 21.53 -2.20
CA GLY A 245 16.09 20.39 -2.79
C GLY A 245 15.38 19.05 -2.55
N HIS A 246 14.15 19.11 -2.13
CA HIS A 246 13.41 17.94 -1.67
C HIS A 246 12.98 16.99 -2.80
N GLY A 247 13.03 17.50 -4.03
CA GLY A 247 12.76 16.69 -5.19
C GLY A 247 13.94 15.95 -5.77
N MET A 248 15.15 16.21 -5.28
CA MET A 248 16.33 15.67 -5.92
C MET A 248 16.45 14.14 -5.93
N TYR A 249 16.05 13.48 -4.84
CA TYR A 249 16.20 12.01 -4.81
C TYR A 249 15.28 11.34 -5.83
N ALA A 250 14.02 11.77 -5.84
CA ALA A 250 13.07 11.34 -6.86
C ALA A 250 13.62 11.50 -8.28
N LEU A 251 14.18 12.69 -8.55
CA LEU A 251 14.82 12.93 -9.84
C LEU A 251 16.00 11.98 -10.09
N ASN A 252 16.84 11.79 -9.09
CA ASN A 252 17.96 10.85 -9.15
C ASN A 252 17.56 9.44 -9.61
N VAL A 253 16.50 8.90 -9.04
CA VAL A 253 16.16 7.48 -9.28
C VAL A 253 15.27 7.22 -10.50
N THR A 254 14.60 8.27 -10.98
CA THR A 254 13.58 8.10 -12.00
C THR A 254 14.14 7.59 -13.31
N GLY A 255 15.22 8.21 -13.74
CA GLY A 255 15.85 7.84 -15.01
C GLY A 255 16.31 6.37 -15.01
N PRO A 256 17.09 5.97 -13.99
CA PRO A 256 17.49 4.58 -13.85
C PRO A 256 16.27 3.62 -13.79
N ILE A 257 15.22 4.00 -13.08
CA ILE A 257 14.02 3.18 -13.00
C ILE A 257 13.34 2.96 -14.34
N LEU A 258 13.10 4.07 -15.06
CA LEU A 258 12.53 4.01 -16.40
C LEU A 258 13.41 3.14 -17.31
N ASN A 259 14.72 3.31 -17.22
CA ASN A 259 15.62 2.50 -18.03
C ASN A 259 15.53 1.00 -17.70
N PHE A 260 15.49 0.70 -16.43
CA PHE A 260 15.31 -0.69 -16.03
C PHE A 260 14.05 -1.28 -16.69
N PHE A 261 12.93 -0.56 -16.58
CA PHE A 261 11.67 -1.13 -17.05
C PHE A 261 11.62 -1.27 -18.58
N ALA A 262 12.14 -0.27 -19.29
CA ALA A 262 12.21 -0.39 -20.78
C ALA A 262 12.92 -1.71 -21.16
N ASN A 263 14.06 -1.97 -20.51
CA ASN A 263 14.75 -3.23 -20.72
C ASN A 263 13.97 -4.44 -20.22
N HIS A 264 13.46 -4.35 -19.00
CA HIS A 264 12.74 -5.43 -18.34
C HIS A 264 11.55 -5.89 -19.16
N TYR A 265 10.88 -4.94 -19.73
CA TYR A 265 9.67 -5.20 -20.51
C TYR A 265 9.99 -5.35 -21.98
N ASN A 266 11.26 -5.22 -22.34
CA ASN A 266 11.64 -5.26 -23.73
C ASN A 266 10.79 -4.30 -24.62
N THR A 267 10.44 -3.13 -24.07
CA THR A 267 9.51 -2.23 -24.67
C THR A 267 9.88 -0.80 -24.28
N SER A 268 10.09 0.05 -25.28
CA SER A 268 10.38 1.42 -25.06
C SER A 268 9.26 2.12 -24.25
N TYR A 269 9.68 2.99 -23.33
CA TYR A 269 8.77 3.91 -22.64
C TYR A 269 7.86 4.56 -23.71
N PRO A 270 6.54 4.42 -23.55
CA PRO A 270 5.66 4.75 -24.66
C PRO A 270 5.25 6.25 -24.72
N LEU A 271 5.91 7.13 -24.02
CA LEU A 271 5.50 8.53 -23.98
C LEU A 271 6.70 9.50 -24.17
N PRO A 272 6.41 10.77 -24.55
CA PRO A 272 7.53 11.68 -24.80
C PRO A 272 8.17 12.21 -23.53
N LYS A 273 7.44 12.14 -22.42
CA LYS A 273 7.88 12.75 -21.20
C LYS A 273 7.30 12.03 -19.97
N SER A 274 7.92 12.30 -18.83
CA SER A 274 7.48 11.74 -17.55
C SER A 274 7.43 12.87 -16.54
N ASP A 275 6.21 13.22 -16.07
CA ASP A 275 6.02 14.09 -14.96
C ASP A 275 5.65 13.28 -13.73
N GLN A 276 6.20 13.66 -12.58
CA GLN A 276 5.77 13.19 -11.32
C GLN A 276 5.54 14.37 -10.41
N ILE A 277 4.44 14.39 -9.69
CA ILE A 277 4.07 15.55 -8.91
C ILE A 277 3.74 15.17 -7.44
N ALA A 278 4.36 15.89 -6.51
CA ALA A 278 4.13 15.75 -5.07
C ALA A 278 3.01 16.67 -4.57
N LEU A 279 1.91 16.07 -4.13
CA LEU A 279 0.75 16.82 -3.69
C LEU A 279 0.61 16.74 -2.16
N PRO A 280 0.40 17.88 -1.50
CA PRO A 280 0.20 17.83 -0.05
C PRO A 280 -1.15 17.14 0.29
N ASP A 281 -1.10 16.20 1.19
CA ASP A 281 -2.34 15.50 1.68
C ASP A 281 -3.12 14.77 0.60
N PHE A 282 -2.43 14.26 -0.40
CA PHE A 282 -3.07 13.34 -1.36
C PHE A 282 -3.34 12.02 -0.70
N ASN A 283 -4.54 11.78 -0.30
CA ASN A 283 -4.92 10.66 0.59
C ASN A 283 -4.93 9.31 -0.10
N ALA A 284 -5.04 9.31 -1.42
CA ALA A 284 -4.93 8.10 -2.20
C ALA A 284 -3.49 7.54 -2.26
N GLY A 285 -2.50 8.30 -1.78
CA GLY A 285 -1.13 7.85 -1.73
C GLY A 285 -0.28 8.08 -2.99
N ALA A 286 -0.66 7.41 -4.08
CA ALA A 286 -0.10 7.60 -5.43
C ALA A 286 -1.08 7.11 -6.52
N MET A 287 -1.03 7.70 -7.70
CA MET A 287 -1.83 7.25 -8.80
C MET A 287 -1.06 7.32 -10.15
N GLU A 288 -1.12 6.24 -10.91
CA GLU A 288 -0.27 5.99 -12.01
C GLU A 288 -0.69 6.66 -13.35
N ASN A 289 -1.31 7.83 -13.30
CA ASN A 289 -1.82 8.49 -14.52
C ASN A 289 -0.71 8.56 -15.57
N TRP A 290 -1.04 8.20 -16.81
CA TRP A 290 -0.05 7.90 -17.80
C TRP A 290 0.69 9.21 -18.20
N GLY A 291 1.92 9.36 -17.79
CA GLY A 291 2.75 10.51 -18.12
C GLY A 291 2.67 11.65 -17.10
N LEU A 292 1.80 11.49 -16.09
CA LEU A 292 1.63 12.46 -15.00
C LEU A 292 1.22 11.75 -13.68
N VAL A 293 2.19 11.17 -13.01
CA VAL A 293 1.93 10.39 -11.82
C VAL A 293 1.87 11.35 -10.61
N THR A 294 0.83 11.18 -9.82
CA THR A 294 0.59 11.96 -8.64
C THR A 294 0.97 11.15 -7.40
N TYR A 295 1.57 11.82 -6.44
CA TYR A 295 2.00 11.25 -5.16
C TYR A 295 1.62 12.18 -4.03
N ARG A 296 1.40 11.63 -2.84
CA ARG A 296 1.45 12.47 -1.64
C ARG A 296 2.92 12.89 -1.42
N GLU A 297 3.08 14.03 -0.81
CA GLU A 297 4.38 14.67 -0.67
C GLU A 297 5.42 13.83 0.01
N ASN A 298 5.00 13.15 1.04
CA ASN A 298 5.92 12.33 1.84
C ASN A 298 6.26 11.06 1.16
N ALA A 299 5.57 10.76 0.07
CA ALA A 299 5.91 9.61 -0.75
C ALA A 299 6.91 9.94 -1.81
N LEU A 300 6.98 11.21 -2.23
CA LEU A 300 7.84 11.57 -3.35
C LEU A 300 9.05 12.41 -2.94
N LEU A 301 8.85 13.29 -1.96
CA LEU A 301 9.86 14.20 -1.54
C LEU A 301 10.74 13.54 -0.49
N PHE A 302 12.00 13.95 -0.44
CA PHE A 302 12.93 13.49 0.55
C PHE A 302 13.80 14.63 1.05
N ASP A 303 13.86 14.83 2.37
CA ASP A 303 14.78 15.78 2.99
C ASP A 303 15.96 15.09 3.67
N PRO A 304 17.14 15.15 3.07
CA PRO A 304 18.35 14.50 3.62
C PRO A 304 18.64 14.91 5.08
N GLN A 305 18.31 16.13 5.45
CA GLN A 305 18.66 16.66 6.76
C GLN A 305 17.80 16.08 7.87
N SER A 306 16.55 15.73 7.57
CA SER A 306 15.62 15.32 8.60
C SER A 306 15.04 13.91 8.42
N SER A 307 15.21 13.32 7.23
CA SER A 307 14.51 12.10 6.84
C SER A 307 15.33 10.85 7.10
N SER A 308 14.70 9.79 7.57
CA SER A 308 15.39 8.55 7.82
C SER A 308 15.63 7.78 6.54
N ILE A 309 16.47 6.76 6.64
CA ILE A 309 16.72 5.81 5.57
C ILE A 309 15.42 5.11 5.10
N SER A 310 14.54 4.73 6.01
CA SER A 310 13.27 4.11 5.60
C SER A 310 12.44 5.07 4.72
N ASN A 311 12.54 6.38 4.98
CA ASN A 311 11.92 7.38 4.13
C ASN A 311 12.47 7.27 2.71
N LYS A 312 13.79 7.07 2.61
CA LYS A 312 14.42 6.95 1.31
C LYS A 312 13.93 5.69 0.60
N GLU A 313 13.80 4.61 1.36
CA GLU A 313 13.28 3.38 0.77
C GLU A 313 11.83 3.52 0.27
N ARG A 314 11.00 4.24 1.04
CA ARG A 314 9.64 4.46 0.61
C ARG A 314 9.59 5.23 -0.73
N VAL A 315 10.47 6.22 -0.92
CA VAL A 315 10.43 6.99 -2.14
C VAL A 315 10.78 6.12 -3.33
N VAL A 316 11.91 5.41 -3.26
CA VAL A 316 12.35 4.68 -4.43
C VAL A 316 11.40 3.56 -4.84
N THR A 317 10.79 2.90 -3.86
CA THR A 317 9.85 1.85 -4.16
C THR A 317 8.49 2.37 -4.67
N VAL A 318 8.00 3.48 -4.11
CA VAL A 318 6.75 4.04 -4.59
C VAL A 318 6.88 4.50 -6.07
N ILE A 319 8.00 5.18 -6.37
CA ILE A 319 8.31 5.54 -7.75
C ILE A 319 8.38 4.30 -8.69
N ALA A 320 9.10 3.28 -8.23
CA ALA A 320 9.23 2.08 -9.06
C ALA A 320 7.85 1.46 -9.30
N HIS A 321 7.02 1.44 -8.26
CA HIS A 321 5.68 0.91 -8.39
C HIS A 321 4.88 1.67 -9.50
N GLU A 322 4.76 2.99 -9.34
CA GLU A 322 3.93 3.75 -10.25
C GLU A 322 4.48 3.71 -11.68
N LEU A 323 5.79 3.72 -11.80
CA LEU A 323 6.43 3.71 -13.14
C LEU A 323 6.28 2.34 -13.85
N ALA A 324 6.28 1.28 -13.02
CA ALA A 324 6.01 -0.07 -13.55
C ALA A 324 4.71 -0.04 -14.39
N HIS A 325 3.70 0.68 -13.86
CA HIS A 325 2.40 0.74 -14.49
C HIS A 325 2.42 1.41 -15.89
N GLN A 326 3.41 2.24 -16.16
CA GLN A 326 3.44 2.99 -17.41
C GLN A 326 3.50 2.03 -18.61
N TRP A 327 3.86 0.77 -18.34
CA TRP A 327 3.74 -0.30 -19.30
C TRP A 327 2.60 -1.26 -18.88
N PHE A 328 2.74 -1.86 -17.69
CA PHE A 328 1.85 -2.94 -17.26
C PHE A 328 0.70 -2.29 -16.48
N GLY A 329 -0.45 -2.24 -17.12
CA GLY A 329 -1.61 -1.49 -16.62
C GLY A 329 -2.06 -0.36 -17.56
N ASN A 330 -1.11 0.44 -18.06
CA ASN A 330 -1.43 1.62 -18.87
C ASN A 330 -1.30 1.35 -20.38
N LEU A 331 -0.15 0.78 -20.80
CA LEU A 331 0.01 0.36 -22.21
C LEU A 331 -0.89 -0.84 -22.54
N VAL A 332 -0.84 -1.86 -21.68
CA VAL A 332 -1.74 -2.98 -21.75
C VAL A 332 -2.60 -2.97 -20.48
N THR A 333 -3.90 -2.90 -20.65
CA THR A 333 -4.83 -2.63 -19.56
C THR A 333 -5.77 -3.83 -19.34
N LEU A 334 -5.97 -4.21 -18.08
CA LEU A 334 -6.93 -5.27 -17.78
C LEU A 334 -8.36 -4.80 -18.09
N ALA A 335 -9.08 -5.64 -18.83
CA ALA A 335 -10.33 -5.30 -19.39
C ALA A 335 -11.41 -4.91 -18.36
N TRP A 336 -11.29 -5.39 -17.14
CA TRP A 336 -12.28 -5.12 -16.15
C TRP A 336 -11.71 -5.20 -14.73
N TRP A 337 -12.38 -4.50 -13.83
CA TRP A 337 -11.90 -4.31 -12.50
C TRP A 337 -11.75 -5.63 -11.66
N ASN A 338 -12.47 -6.69 -12.06
CA ASN A 338 -12.32 -7.98 -11.38
C ASN A 338 -10.87 -8.56 -11.53
N ASP A 339 -10.12 -8.05 -12.50
CA ASP A 339 -8.74 -8.44 -12.68
C ASP A 339 -7.73 -7.48 -12.14
N LEU A 340 -8.20 -6.53 -11.31
CA LEU A 340 -7.33 -5.53 -10.72
C LEU A 340 -6.10 -6.14 -10.01
N TRP A 341 -6.29 -7.27 -9.33
CA TRP A 341 -5.19 -7.98 -8.68
C TRP A 341 -3.94 -8.17 -9.59
N LEU A 342 -4.16 -8.50 -10.85
CA LEU A 342 -3.05 -8.72 -11.74
C LEU A 342 -2.21 -7.43 -11.95
N ASN A 343 -2.92 -6.36 -12.24
CA ASN A 343 -2.32 -5.05 -12.38
C ASN A 343 -1.60 -4.61 -11.11
N GLU A 344 -2.33 -4.53 -10.00
CA GLU A 344 -1.75 -4.09 -8.73
C GLU A 344 -0.75 -5.07 -8.16
N GLY A 345 -1.05 -6.33 -8.31
CA GLY A 345 -0.12 -7.39 -7.85
C GLY A 345 1.20 -7.31 -8.60
N PHE A 346 1.12 -7.19 -9.92
CA PHE A 346 2.29 -7.10 -10.75
C PHE A 346 3.18 -5.90 -10.34
N ALA A 347 2.57 -4.72 -10.26
CA ALA A 347 3.34 -3.53 -9.84
C ALA A 347 3.90 -3.71 -8.42
N SER A 348 3.11 -4.29 -7.54
CA SER A 348 3.54 -4.53 -6.14
C SER A 348 4.77 -5.49 -6.05
N TYR A 349 4.94 -6.33 -7.04
CA TYR A 349 6.11 -7.17 -7.13
C TYR A 349 7.31 -6.46 -7.77
N VAL A 350 7.14 -5.96 -8.99
CA VAL A 350 8.29 -5.40 -9.75
C VAL A 350 8.80 -4.06 -9.19
N GLU A 351 8.03 -3.44 -8.30
CA GLU A 351 8.49 -2.23 -7.63
C GLU A 351 9.87 -2.50 -6.96
N TYR A 352 10.02 -3.70 -6.40
CA TYR A 352 11.28 -4.11 -5.81
C TYR A 352 12.45 -4.28 -6.84
N LEU A 353 12.14 -4.86 -7.98
CA LEU A 353 13.09 -5.00 -9.06
C LEU A 353 13.57 -3.65 -9.58
N GLY A 354 12.61 -2.77 -9.92
CA GLY A 354 12.97 -1.43 -10.38
C GLY A 354 13.74 -0.65 -9.34
N ALA A 355 13.28 -0.67 -8.07
CA ALA A 355 13.98 0.03 -7.03
C ALA A 355 15.40 -0.60 -6.84
N ASP A 356 15.48 -1.90 -6.97
CA ASP A 356 16.80 -2.55 -6.84
C ASP A 356 17.79 -2.04 -7.92
N HIS A 357 17.31 -1.78 -9.12
CA HIS A 357 18.16 -1.20 -10.13
C HIS A 357 18.72 0.14 -9.69
N ALA A 358 17.87 0.98 -9.10
CA ALA A 358 18.28 2.31 -8.67
C ALA A 358 19.21 2.28 -7.46
N GLU A 359 18.97 1.36 -6.55
CA GLU A 359 19.78 1.21 -5.34
C GLU A 359 20.26 -0.24 -5.21
N PRO A 360 21.25 -0.65 -6.07
CA PRO A 360 21.65 -2.05 -6.19
C PRO A 360 22.42 -2.64 -4.97
N THR A 361 22.91 -1.79 -4.07
CA THR A 361 23.58 -2.31 -2.87
C THR A 361 22.61 -2.56 -1.75
N TRP A 362 21.33 -2.19 -1.88
CA TRP A 362 20.43 -2.20 -0.74
C TRP A 362 19.72 -3.54 -0.50
N ASN A 363 19.86 -4.49 -1.40
CA ASN A 363 19.14 -5.74 -1.28
C ASN A 363 17.62 -5.64 -1.15
N LEU A 364 17.03 -4.70 -1.87
CA LEU A 364 15.64 -4.37 -1.73
C LEU A 364 14.68 -5.51 -2.06
N LYS A 365 15.08 -6.39 -2.97
CA LYS A 365 14.22 -7.53 -3.36
C LYS A 365 13.78 -8.37 -2.16
N ASP A 366 14.60 -8.40 -1.15
CA ASP A 366 14.30 -9.19 0.05
C ASP A 366 13.03 -8.69 0.77
N LEU A 367 12.74 -7.38 0.64
CA LEU A 367 11.78 -6.75 1.49
C LEU A 367 10.36 -7.12 1.16
N ILE A 368 10.14 -7.70 -0.02
CA ILE A 368 8.83 -8.23 -0.37
C ILE A 368 8.36 -9.29 0.70
N VAL A 369 9.30 -9.99 1.30
CA VAL A 369 8.95 -11.08 2.19
C VAL A 369 8.26 -10.59 3.49
N PRO A 370 8.94 -9.74 4.26
CA PRO A 370 8.25 -9.10 5.36
C PRO A 370 7.15 -8.18 4.90
N GLY A 371 7.41 -7.44 3.83
CA GLY A 371 6.51 -6.31 3.42
C GLY A 371 5.21 -6.75 2.80
N ASP A 372 5.22 -7.83 2.01
CA ASP A 372 4.02 -8.32 1.35
C ASP A 372 3.59 -9.75 1.71
N VAL A 373 4.54 -10.69 1.70
CA VAL A 373 4.24 -12.10 1.88
C VAL A 373 3.64 -12.38 3.25
N TYR A 374 4.40 -12.09 4.29
CA TYR A 374 3.92 -12.37 5.66
C TYR A 374 2.81 -11.45 6.09
N ARG A 375 2.79 -10.27 5.48
CA ARG A 375 1.75 -9.31 5.72
C ARG A 375 0.41 -9.85 5.27
N VAL A 376 0.31 -10.27 4.03
CA VAL A 376 -0.94 -10.71 3.53
C VAL A 376 -1.34 -12.15 4.06
N MET A 377 -0.36 -12.96 4.43
CA MET A 377 -0.68 -14.28 4.99
C MET A 377 -1.48 -14.19 6.32
N ALA A 378 -1.21 -13.16 7.10
CA ALA A 378 -2.01 -12.86 8.26
C ALA A 378 -3.51 -12.76 7.96
N VAL A 379 -3.89 -12.18 6.83
CA VAL A 379 -5.31 -12.09 6.46
C VAL A 379 -5.80 -13.20 5.56
N ASP A 380 -4.89 -13.81 4.81
CA ASP A 380 -5.23 -14.91 3.94
C ASP A 380 -5.32 -16.26 4.69
N ALA A 381 -4.92 -16.28 5.95
CA ALA A 381 -5.03 -17.46 6.78
C ALA A 381 -6.26 -17.33 7.70
N LEU A 382 -7.30 -16.67 7.21
CA LEU A 382 -8.58 -16.58 7.86
C LEU A 382 -9.68 -17.19 7.02
N ALA A 383 -10.75 -17.66 7.68
CA ALA A 383 -11.91 -18.17 6.95
C ALA A 383 -12.68 -17.09 6.17
N SER A 384 -12.48 -15.84 6.53
CA SER A 384 -13.14 -14.71 5.90
C SER A 384 -12.36 -14.11 4.71
N SER A 385 -11.34 -14.83 4.22
CA SER A 385 -10.58 -14.34 3.10
C SER A 385 -11.35 -14.57 1.77
N HIS A 386 -10.70 -14.26 0.66
CA HIS A 386 -11.31 -14.44 -0.64
C HIS A 386 -10.28 -14.72 -1.73
N PRO A 387 -10.67 -15.42 -2.80
CA PRO A 387 -9.80 -15.66 -3.96
C PRO A 387 -9.33 -14.34 -4.64
N LEU A 388 -8.12 -14.38 -5.21
CA LEU A 388 -7.64 -13.30 -6.04
C LEU A 388 -8.63 -12.96 -7.16
N THR A 389 -9.14 -13.98 -7.82
CA THR A 389 -10.08 -13.82 -8.89
C THR A 389 -11.51 -13.67 -8.38
N THR A 390 -12.30 -12.91 -9.09
CA THR A 390 -13.71 -12.67 -8.87
C THR A 390 -14.35 -12.72 -10.23
N PRO A 391 -15.50 -13.40 -10.35
CA PRO A 391 -16.15 -13.40 -11.64
C PRO A 391 -16.49 -11.94 -12.08
N ALA A 392 -16.25 -11.62 -13.34
CA ALA A 392 -16.40 -10.25 -13.82
C ALA A 392 -17.86 -9.74 -13.61
N GLU A 393 -18.79 -10.68 -13.75
CA GLU A 393 -20.18 -10.41 -13.67
C GLU A 393 -20.65 -10.18 -12.24
N GLU A 394 -19.75 -10.35 -11.27
CA GLU A 394 -20.07 -10.01 -9.87
C GLU A 394 -19.55 -8.59 -9.50
N VAL A 395 -18.83 -7.97 -10.40
CA VAL A 395 -18.20 -6.67 -10.13
C VAL A 395 -18.80 -5.61 -11.05
N ASN A 396 -19.76 -4.85 -10.51
CA ASN A 396 -20.61 -3.98 -11.34
C ASN A 396 -20.63 -2.55 -10.87
N THR A 397 -20.84 -2.34 -9.58
CA THR A 397 -21.12 -1.02 -9.07
C THR A 397 -19.80 -0.34 -8.73
N PRO A 398 -19.82 0.99 -8.61
CA PRO A 398 -18.58 1.67 -8.21
C PRO A 398 -18.11 1.17 -6.84
N ALA A 399 -19.05 0.83 -5.94
CA ALA A 399 -18.67 0.28 -4.62
C ALA A 399 -17.96 -1.09 -4.72
N GLN A 400 -18.53 -1.96 -5.57
CA GLN A 400 -17.92 -3.28 -5.82
C GLN A 400 -16.52 -3.19 -6.47
N ILE A 401 -16.36 -2.22 -7.36
CA ILE A 401 -15.09 -1.94 -7.94
C ILE A 401 -14.08 -1.52 -6.88
N SER A 402 -14.47 -0.58 -6.02
CA SER A 402 -13.58 -0.15 -4.94
C SER A 402 -13.11 -1.26 -3.99
N GLU A 403 -13.97 -2.26 -3.81
CA GLU A 403 -13.63 -3.35 -2.95
C GLU A 403 -12.48 -4.22 -3.53
N MET A 404 -12.21 -4.04 -4.82
CA MET A 404 -11.09 -4.74 -5.46
C MET A 404 -9.74 -4.32 -4.95
N PHE A 405 -9.65 -3.14 -4.37
CA PHE A 405 -8.37 -2.55 -3.98
C PHE A 405 -8.05 -2.91 -2.53
N ASP A 406 -7.65 -4.11 -2.28
CA ASP A 406 -7.32 -4.53 -0.93
C ASP A 406 -5.99 -5.30 -0.87
N SER A 407 -5.67 -5.76 0.32
CA SER A 407 -4.45 -6.42 0.67
C SER A 407 -4.18 -7.64 -0.16
N ILE A 408 -5.23 -8.41 -0.38
CA ILE A 408 -5.19 -9.63 -1.15
C ILE A 408 -4.75 -9.27 -2.57
N SER A 409 -5.41 -8.29 -3.15
CA SER A 409 -5.11 -7.87 -4.53
C SER A 409 -3.66 -7.43 -4.70
N TYR A 410 -3.21 -6.55 -3.83
CA TYR A 410 -1.85 -6.00 -3.93
C TYR A 410 -0.81 -7.04 -3.51
N SER A 411 -0.93 -7.49 -2.27
CA SER A 411 0.17 -8.21 -1.60
C SER A 411 0.23 -9.71 -1.98
N LYS A 412 -0.93 -10.37 -2.02
CA LYS A 412 -0.98 -11.74 -2.47
C LYS A 412 -0.75 -11.81 -3.98
N GLY A 413 -1.38 -10.84 -4.69
CA GLY A 413 -1.09 -10.62 -6.10
C GLY A 413 0.44 -10.60 -6.34
N ALA A 414 1.13 -9.77 -5.59
CA ALA A 414 2.58 -9.65 -5.70
C ALA A 414 3.25 -11.01 -5.35
N SER A 415 2.72 -11.67 -4.33
CA SER A 415 3.35 -12.88 -3.81
C SER A 415 3.25 -14.02 -4.82
N VAL A 416 2.07 -14.23 -5.39
CA VAL A 416 1.86 -15.32 -6.34
C VAL A 416 2.56 -15.05 -7.68
N ILE A 417 2.58 -13.78 -8.11
CA ILE A 417 3.33 -13.47 -9.31
C ILE A 417 4.86 -13.67 -9.13
N ARG A 418 5.39 -13.26 -7.98
CA ARG A 418 6.76 -13.52 -7.66
C ARG A 418 7.07 -15.08 -7.67
N MET A 419 6.15 -15.85 -7.07
CA MET A 419 6.30 -17.30 -7.08
C MET A 419 6.41 -17.83 -8.53
N LEU A 420 5.55 -17.28 -9.39
CA LEU A 420 5.42 -17.66 -10.78
C LEU A 420 6.72 -17.36 -11.55
N SER A 421 7.23 -16.16 -11.40
CA SER A 421 8.45 -15.77 -12.05
C SER A 421 9.61 -16.70 -11.61
N ASN A 422 9.62 -17.01 -10.34
CA ASN A 422 10.64 -17.85 -9.78
C ASN A 422 10.63 -19.32 -10.30
N PHE A 423 9.47 -19.91 -10.43
CA PHE A 423 9.38 -21.29 -10.91
C PHE A 423 9.53 -21.43 -12.43
N LEU A 424 9.20 -20.36 -13.14
CA LEU A 424 9.52 -20.26 -14.56
C LEU A 424 10.97 -19.87 -14.84
N THR A 425 11.63 -19.32 -13.84
CA THR A 425 12.85 -18.53 -14.00
C THR A 425 12.55 -17.13 -14.60
N GLU A 426 13.32 -16.15 -14.19
CA GLU A 426 13.03 -14.80 -14.56
C GLU A 426 13.16 -14.57 -16.05
N ASP A 427 14.17 -15.15 -16.67
CA ASP A 427 14.37 -15.00 -18.12
C ASP A 427 13.21 -15.51 -18.94
N LEU A 428 12.68 -16.66 -18.54
CA LEU A 428 11.47 -17.19 -19.18
C LEU A 428 10.26 -16.28 -18.93
N PHE A 429 10.07 -15.89 -17.67
CA PHE A 429 8.98 -14.99 -17.31
C PHE A 429 9.02 -13.70 -18.17
N LYS A 430 10.20 -13.13 -18.33
CA LYS A 430 10.39 -11.91 -19.14
C LYS A 430 10.06 -12.08 -20.60
N GLU A 431 10.32 -13.28 -21.13
CA GLU A 431 10.04 -13.52 -22.54
C GLU A 431 8.53 -13.52 -22.76
N GLY A 432 7.81 -14.21 -21.87
CA GLY A 432 6.34 -14.26 -21.98
C GLY A 432 5.72 -12.87 -21.76
N LEU A 433 6.26 -12.17 -20.76
CA LEU A 433 5.84 -10.80 -20.45
C LEU A 433 6.01 -9.83 -21.64
N ALA A 434 7.15 -9.92 -22.33
CA ALA A 434 7.42 -9.14 -23.55
C ALA A 434 6.44 -9.47 -24.66
N SER A 435 6.28 -10.78 -24.87
CA SER A 435 5.35 -11.28 -25.85
C SER A 435 3.90 -10.69 -25.58
N TYR A 436 3.50 -10.69 -24.31
CA TYR A 436 2.19 -10.28 -23.92
C TYR A 436 2.01 -8.76 -24.15
N LEU A 437 3.02 -7.98 -23.75
CA LEU A 437 3.03 -6.55 -23.93
C LEU A 437 3.02 -6.15 -25.42
N HIS A 438 3.81 -6.86 -26.23
CA HIS A 438 3.84 -6.57 -27.67
C HIS A 438 2.51 -6.95 -28.36
N ALA A 439 1.89 -8.06 -27.96
CA ALA A 439 0.65 -8.51 -28.58
C ALA A 439 -0.54 -7.59 -28.27
N PHE A 440 -0.56 -7.02 -27.08
CA PHE A 440 -1.72 -6.33 -26.59
C PHE A 440 -1.53 -4.81 -26.36
N ALA A 441 -0.41 -4.26 -26.80
CA ALA A 441 -0.15 -2.82 -26.69
C ALA A 441 -1.36 -1.95 -27.13
N TYR A 442 -1.77 -1.03 -26.26
CA TYR A 442 -2.90 -0.11 -26.53
C TYR A 442 -4.27 -0.85 -26.56
N GLN A 443 -4.31 -2.06 -26.02
CA GLN A 443 -5.53 -2.82 -25.95
C GLN A 443 -5.79 -3.30 -24.48
N ASN A 444 -6.67 -4.28 -24.32
CA ASN A 444 -7.09 -4.75 -23.03
C ASN A 444 -6.94 -6.33 -22.99
N THR A 445 -6.86 -6.88 -21.78
CA THR A 445 -6.54 -8.26 -21.56
C THR A 445 -7.30 -8.81 -20.34
N THR A 446 -7.29 -10.12 -20.17
CA THR A 446 -7.54 -10.75 -18.90
C THR A 446 -6.24 -11.48 -18.48
N TYR A 447 -6.20 -11.92 -17.22
CA TYR A 447 -5.10 -12.67 -16.69
C TYR A 447 -4.84 -13.95 -17.53
N LEU A 448 -5.88 -14.49 -18.16
CA LEU A 448 -5.69 -15.66 -19.03
C LEU A 448 -4.76 -15.37 -20.20
N ASP A 449 -4.79 -14.10 -20.68
CA ASP A 449 -3.88 -13.67 -21.71
C ASP A 449 -2.42 -13.72 -21.28
N LEU A 450 -2.12 -13.27 -20.07
CA LEU A 450 -0.78 -13.38 -19.56
C LEU A 450 -0.34 -14.91 -19.46
N TRP A 451 -1.20 -15.74 -18.88
CA TRP A 451 -0.91 -17.14 -18.74
C TRP A 451 -0.56 -17.76 -20.13
N GLU A 452 -1.32 -17.37 -21.13
CA GLU A 452 -1.17 -17.91 -22.44
C GLU A 452 0.19 -17.55 -23.06
N HIS A 453 0.63 -16.32 -22.84
CA HIS A 453 1.90 -15.88 -23.32
C HIS A 453 3.10 -16.48 -22.55
N LEU A 454 2.94 -16.64 -21.23
CA LEU A 454 3.89 -17.37 -20.44
C LEU A 454 4.02 -18.86 -20.90
N GLN A 455 2.90 -19.45 -21.22
CA GLN A 455 2.87 -20.83 -21.74
C GLN A 455 3.58 -20.96 -23.08
N LYS A 456 3.39 -19.99 -23.95
CA LYS A 456 4.09 -19.93 -25.21
C LYS A 456 5.60 -20.00 -24.98
N ALA A 457 6.07 -19.22 -24.02
CA ALA A 457 7.51 -19.17 -23.70
C ALA A 457 7.99 -20.54 -23.08
N VAL A 458 7.20 -21.09 -22.17
CA VAL A 458 7.49 -22.42 -21.67
C VAL A 458 7.55 -23.48 -22.82
N ASP A 459 6.58 -23.43 -23.72
CA ASP A 459 6.49 -24.40 -24.78
C ASP A 459 7.63 -24.22 -25.77
N ALA A 460 8.23 -23.03 -25.80
CA ALA A 460 9.31 -22.74 -26.73
C ALA A 460 10.72 -23.10 -26.23
N GLN A 461 10.79 -23.77 -25.10
CA GLN A 461 12.06 -24.22 -24.57
C GLN A 461 11.97 -25.60 -23.89
N THR A 462 13.12 -26.14 -23.45
CA THR A 462 13.17 -27.55 -23.04
C THR A 462 13.74 -27.75 -21.67
N SER A 463 14.14 -26.68 -21.03
CA SER A 463 14.98 -26.74 -19.84
C SER A 463 14.06 -26.70 -18.58
N ILE A 464 13.10 -25.79 -18.59
CA ILE A 464 12.14 -25.72 -17.51
C ILE A 464 10.91 -26.60 -17.83
N ARG A 465 10.67 -27.57 -16.93
CA ARG A 465 9.55 -28.53 -17.09
C ARG A 465 8.57 -28.37 -15.92
N LEU A 466 7.29 -28.31 -16.20
CA LEU A 466 6.26 -28.07 -15.22
C LEU A 466 5.35 -29.29 -15.10
N PRO A 467 4.73 -29.45 -13.95
CA PRO A 467 3.88 -30.62 -13.74
C PRO A 467 2.53 -30.46 -14.42
N ASP A 468 2.20 -29.23 -14.85
CA ASP A 468 0.95 -28.98 -15.53
C ASP A 468 1.11 -27.67 -16.32
N THR A 469 0.06 -27.25 -16.99
CA THR A 469 0.08 -25.97 -17.70
C THR A 469 0.23 -24.81 -16.71
N VAL A 470 0.78 -23.69 -17.19
CA VAL A 470 0.83 -22.45 -16.39
C VAL A 470 -0.56 -22.15 -15.79
N ARG A 471 -1.62 -22.21 -16.60
CA ARG A 471 -2.97 -21.93 -16.13
C ARG A 471 -3.38 -22.85 -14.99
N ALA A 472 -3.20 -24.13 -15.23
CA ALA A 472 -3.69 -25.07 -14.27
C ALA A 472 -3.02 -24.87 -12.92
N ILE A 473 -1.76 -24.50 -12.95
CA ILE A 473 -1.02 -24.30 -11.76
C ILE A 473 -1.54 -23.03 -11.08
N MET A 474 -1.57 -21.94 -11.85
CA MET A 474 -1.95 -20.65 -11.28
C MET A 474 -3.42 -20.65 -10.83
N ASP A 475 -4.25 -21.45 -11.49
CA ASP A 475 -5.62 -21.67 -11.08
C ASP A 475 -5.69 -22.06 -9.59
N ARG A 476 -4.77 -22.89 -9.13
CA ARG A 476 -4.77 -23.27 -7.74
C ARG A 476 -4.53 -22.04 -6.82
N TRP A 477 -3.78 -21.06 -7.31
CA TRP A 477 -3.38 -19.96 -6.48
C TRP A 477 -4.31 -18.73 -6.64
N THR A 478 -5.19 -18.76 -7.60
CA THR A 478 -6.03 -17.61 -7.95
C THR A 478 -7.54 -17.85 -7.80
N LEU A 479 -8.02 -19.07 -8.08
CA LEU A 479 -9.43 -19.39 -7.96
C LEU A 479 -9.92 -19.77 -6.54
N GLN A 480 -8.99 -20.09 -5.65
CA GLN A 480 -9.36 -20.44 -4.25
C GLN A 480 -8.60 -19.51 -3.33
N MET A 481 -9.16 -19.25 -2.15
CA MET A 481 -8.51 -18.39 -1.17
C MET A 481 -7.44 -19.18 -0.39
N GLY A 482 -6.59 -18.46 0.32
CA GLY A 482 -5.72 -19.04 1.30
C GLY A 482 -4.46 -19.69 0.74
N PHE A 483 -3.75 -20.44 1.58
CA PHE A 483 -2.53 -21.06 1.20
C PHE A 483 -2.26 -22.29 2.11
N PRO A 484 -1.44 -23.25 1.65
CA PRO A 484 -1.16 -24.43 2.46
C PRO A 484 -0.05 -24.22 3.47
N VAL A 485 -0.15 -24.91 4.60
CA VAL A 485 1.03 -25.28 5.39
C VAL A 485 1.54 -26.61 4.81
N ILE A 486 2.82 -26.65 4.50
CA ILE A 486 3.49 -27.84 4.05
C ILE A 486 4.24 -28.39 5.23
N THR A 487 3.88 -29.61 5.63
CA THR A 487 4.46 -30.25 6.83
C THR A 487 5.36 -31.40 6.38
N VAL A 488 6.58 -31.44 6.89
CA VAL A 488 7.56 -32.47 6.50
C VAL A 488 7.96 -33.34 7.72
N ASP A 489 7.78 -34.62 7.56
CA ASP A 489 8.36 -35.61 8.51
C ASP A 489 9.70 -36.10 7.92
N THR A 490 10.80 -35.58 8.45
CA THR A 490 12.11 -35.82 7.87
C THR A 490 12.61 -37.26 8.17
N LYS A 491 11.93 -37.96 9.09
CA LYS A 491 12.25 -39.37 9.34
C LYS A 491 11.94 -40.23 8.13
N THR A 492 10.85 -39.90 7.43
CA THR A 492 10.39 -40.71 6.28
C THR A 492 10.50 -39.95 4.98
N GLY A 493 10.60 -38.63 5.06
CA GLY A 493 10.42 -37.78 3.88
C GLY A 493 8.98 -37.65 3.39
N ASN A 494 8.03 -38.09 4.20
CA ASN A 494 6.63 -37.83 3.94
C ASN A 494 6.38 -36.32 3.99
N ILE A 495 5.56 -35.85 3.08
CA ILE A 495 5.28 -34.41 2.97
C ILE A 495 3.79 -34.23 2.70
N SER A 496 3.17 -33.35 3.45
CA SER A 496 1.75 -33.09 3.29
C SER A 496 1.39 -31.60 3.11
N GLN A 497 0.20 -31.38 2.57
CA GLN A 497 -0.33 -30.00 2.51
C GLN A 497 -1.73 -30.00 3.13
N LYS A 498 -1.99 -28.97 3.93
CA LYS A 498 -3.38 -28.59 4.21
C LYS A 498 -3.60 -27.09 4.24
N HIS A 499 -4.82 -26.67 3.90
CA HIS A 499 -5.24 -25.28 4.01
C HIS A 499 -4.85 -24.74 5.39
N PHE A 500 -4.03 -23.70 5.45
CA PHE A 500 -3.59 -23.16 6.72
C PHE A 500 -4.48 -22.07 7.27
N LEU A 501 -5.03 -22.31 8.47
CA LEU A 501 -5.77 -21.31 9.22
C LEU A 501 -5.15 -21.07 10.56
N LEU A 502 -4.92 -19.80 10.89
CA LEU A 502 -4.41 -19.43 12.20
C LEU A 502 -5.32 -19.90 13.34
N ASP A 503 -6.62 -19.88 13.14
CA ASP A 503 -7.57 -20.34 14.10
C ASP A 503 -7.93 -21.81 13.83
N SER A 504 -7.35 -22.70 14.59
CA SER A 504 -7.47 -24.15 14.31
C SER A 504 -8.88 -24.63 14.62
N GLU A 505 -9.69 -23.78 15.27
CA GLU A 505 -11.13 -24.08 15.44
C GLU A 505 -12.02 -23.55 14.33
N SER A 506 -11.48 -22.68 13.47
CA SER A 506 -12.27 -21.98 12.47
C SER A 506 -13.02 -22.93 11.52
N ASN A 507 -14.28 -22.63 11.22
CA ASN A 507 -14.98 -23.27 10.11
C ASN A 507 -14.90 -22.46 8.79
N VAL A 508 -14.27 -23.06 7.78
CA VAL A 508 -14.31 -22.56 6.42
C VAL A 508 -15.62 -22.94 5.77
N THR A 509 -16.30 -21.95 5.20
CA THR A 509 -17.57 -22.16 4.52
C THR A 509 -17.51 -21.87 3.06
N ARG A 510 -16.54 -21.08 2.63
CA ARG A 510 -16.31 -20.89 1.20
C ARG A 510 -15.77 -22.17 0.55
N SER A 511 -16.51 -22.69 -0.39
CA SER A 511 -16.11 -23.93 -1.02
C SER A 511 -15.05 -23.66 -2.11
N SER A 512 -14.21 -24.64 -2.38
CA SER A 512 -13.22 -24.58 -3.44
C SER A 512 -13.40 -25.69 -4.45
N ALA A 513 -13.20 -25.32 -5.72
CA ALA A 513 -13.28 -26.30 -6.79
C ALA A 513 -12.16 -27.33 -6.67
N PHE A 514 -11.17 -27.06 -5.83
CA PHE A 514 -9.98 -27.89 -5.73
C PHE A 514 -9.84 -28.53 -4.34
N ASP A 515 -10.89 -28.42 -3.53
CA ASP A 515 -10.84 -28.94 -2.17
C ASP A 515 -9.64 -28.44 -1.37
N TYR A 516 -9.26 -27.19 -1.62
CA TYR A 516 -8.10 -26.59 -0.96
C TYR A 516 -6.86 -27.47 -1.04
N LEU A 517 -6.56 -27.93 -2.25
CA LEU A 517 -5.28 -28.54 -2.55
C LEU A 517 -4.56 -27.68 -3.61
N TRP A 518 -3.26 -27.49 -3.43
CA TRP A 518 -2.49 -26.67 -4.33
C TRP A 518 -1.46 -27.50 -5.09
N ILE A 519 -0.99 -26.98 -6.22
CA ILE A 519 0.20 -27.49 -6.90
C ILE A 519 1.36 -26.58 -6.51
N VAL A 520 2.32 -27.11 -5.76
CA VAL A 520 3.24 -26.32 -5.01
C VAL A 520 4.71 -26.48 -5.42
N PRO A 521 5.34 -25.39 -5.87
CA PRO A 521 6.76 -25.43 -6.19
C PRO A 521 7.57 -25.39 -4.88
N ILE A 522 8.47 -26.37 -4.68
CA ILE A 522 9.17 -26.51 -3.43
C ILE A 522 10.67 -26.62 -3.69
N SER A 523 11.39 -25.55 -3.34
CA SER A 523 12.82 -25.57 -3.27
C SER A 523 13.25 -26.02 -1.90
N SER A 524 14.47 -26.51 -1.77
CA SER A 524 14.95 -26.94 -0.44
C SER A 524 16.46 -26.92 -0.40
N ILE A 525 16.97 -26.77 0.81
CA ILE A 525 18.37 -26.73 1.07
C ILE A 525 18.59 -27.87 2.08
N LYS A 526 19.64 -28.65 1.90
CA LYS A 526 19.97 -29.69 2.88
C LYS A 526 21.42 -29.50 3.31
N ASN A 527 21.63 -29.27 4.59
CA ASN A 527 22.98 -28.98 5.13
C ASN A 527 23.65 -27.83 4.38
N GLY A 528 22.88 -26.79 4.06
CA GLY A 528 23.44 -25.60 3.42
C GLY A 528 23.60 -25.73 1.93
N VAL A 529 23.14 -26.83 1.35
CA VAL A 529 23.33 -27.10 -0.04
C VAL A 529 22.01 -27.20 -0.77
N MET A 530 21.83 -26.39 -1.80
CA MET A 530 20.61 -26.43 -2.62
C MET A 530 20.32 -27.83 -3.13
N GLN A 531 19.06 -28.24 -3.14
CA GLN A 531 18.69 -29.52 -3.68
C GLN A 531 17.95 -29.37 -4.98
N ASP A 532 17.70 -30.48 -5.64
CA ASP A 532 16.84 -30.47 -6.81
C ASP A 532 15.49 -29.88 -6.42
N HIS A 533 14.92 -29.19 -7.35
CA HIS A 533 13.58 -28.60 -7.17
C HIS A 533 12.53 -29.68 -7.24
N TYR A 534 11.43 -29.47 -6.54
CA TYR A 534 10.37 -30.47 -6.38
C TYR A 534 9.00 -29.82 -6.49
N TRP A 535 8.06 -30.51 -7.10
CA TRP A 535 6.68 -30.09 -7.18
C TRP A 535 5.75 -31.02 -6.38
N LEU A 536 5.08 -30.50 -5.37
CA LEU A 536 3.95 -31.18 -4.78
C LEU A 536 2.72 -31.04 -5.65
N ARG A 537 2.25 -32.18 -6.17
CA ARG A 537 1.06 -32.27 -6.96
C ARG A 537 -0.19 -32.09 -6.12
N ASP A 538 -1.37 -32.10 -6.76
CA ASP A 538 -2.60 -31.86 -6.03
C ASP A 538 -3.00 -33.10 -5.24
N VAL A 539 -2.21 -33.44 -4.25
CA VAL A 539 -2.49 -34.55 -3.32
C VAL A 539 -2.26 -34.12 -1.88
N SER A 540 -2.99 -34.72 -0.95
CA SER A 540 -2.81 -34.43 0.49
C SER A 540 -1.43 -34.83 0.95
N GLN A 541 -0.95 -35.96 0.46
CA GLN A 541 0.31 -36.47 0.90
C GLN A 541 1.13 -37.11 -0.15
N ALA A 542 2.41 -36.97 0.03
CA ALA A 542 3.36 -37.63 -0.88
C ALA A 542 4.61 -38.00 -0.14
N GLN A 543 5.59 -38.51 -0.88
CA GLN A 543 6.88 -38.82 -0.28
C GLN A 543 8.01 -38.61 -1.25
N ASN A 544 9.11 -38.06 -0.75
CA ASN A 544 10.32 -37.97 -1.53
C ASN A 544 11.54 -37.93 -0.64
N ASP A 545 12.60 -38.60 -1.10
CA ASP A 545 13.83 -38.70 -0.34
C ASP A 545 14.56 -37.39 -0.24
N LEU A 546 14.17 -36.42 -1.07
CA LEU A 546 14.64 -35.04 -0.91
C LEU A 546 14.41 -34.52 0.50
N PHE A 547 13.37 -35.01 1.15
CA PHE A 547 12.93 -34.50 2.45
C PHE A 547 13.18 -35.45 3.60
N LYS A 548 13.97 -36.47 3.48
CA LYS A 548 14.30 -37.46 4.44
C LYS A 548 15.74 -37.20 4.85
N THR A 549 15.95 -37.21 6.08
CA THR A 549 17.24 -36.82 6.63
C THR A 549 17.83 -37.96 7.45
N ALA A 550 19.15 -37.94 7.65
CA ALA A 550 19.79 -38.70 8.73
C ALA A 550 19.69 -37.87 10.02
N SER A 551 20.35 -38.34 11.07
CA SER A 551 20.20 -37.74 12.38
C SER A 551 21.12 -36.53 12.60
N ASP A 552 22.23 -36.47 11.85
CA ASP A 552 23.09 -35.28 11.95
C ASP A 552 22.73 -34.23 10.89
N ASP A 553 21.82 -34.56 9.96
CA ASP A 553 21.52 -33.66 8.88
C ASP A 553 20.26 -32.80 9.15
N TRP A 554 20.11 -31.72 8.39
CA TRP A 554 18.84 -31.01 8.36
C TRP A 554 18.41 -30.67 6.93
N VAL A 555 17.09 -30.50 6.77
CA VAL A 555 16.52 -29.96 5.56
C VAL A 555 15.64 -28.74 5.84
N LEU A 556 15.52 -27.87 4.84
CA LEU A 556 14.74 -26.64 4.98
C LEU A 556 14.11 -26.28 3.68
N LEU A 557 12.80 -26.09 3.69
CA LEU A 557 12.04 -25.91 2.44
C LEU A 557 11.79 -24.41 2.15
N ASN A 558 11.53 -24.12 0.91
CA ASN A 558 11.09 -22.79 0.46
C ASN A 558 12.17 -21.73 0.60
N VAL A 559 13.21 -21.90 -0.23
CA VAL A 559 14.39 -21.07 -0.10
C VAL A 559 13.99 -19.63 -0.42
N ASN A 560 14.34 -18.72 0.47
CA ASN A 560 14.02 -17.31 0.26
C ASN A 560 12.52 -17.02 0.22
N VAL A 561 11.72 -17.97 0.68
CA VAL A 561 10.27 -17.86 0.69
C VAL A 561 9.74 -17.29 -0.64
N THR A 562 10.14 -17.91 -1.74
CA THR A 562 9.60 -17.60 -3.05
C THR A 562 8.19 -18.15 -3.20
N GLY A 563 7.92 -19.27 -2.52
CA GLY A 563 6.64 -19.92 -2.60
C GLY A 563 5.63 -19.38 -1.58
N TYR A 564 4.36 -19.28 -1.98
CA TYR A 564 3.33 -18.72 -1.15
C TYR A 564 2.77 -19.80 -0.18
N PHE A 565 3.60 -20.18 0.79
CA PHE A 565 3.23 -21.17 1.78
C PHE A 565 4.13 -21.13 2.98
N GLN A 566 3.69 -21.74 4.08
CA GLN A 566 4.47 -21.86 5.29
C GLN A 566 4.84 -23.34 5.56
N VAL A 567 5.92 -23.54 6.31
CA VAL A 567 6.50 -24.86 6.42
C VAL A 567 6.63 -25.27 7.89
N ASN A 568 6.16 -26.44 8.19
CA ASN A 568 6.39 -27.11 9.47
C ASN A 568 7.17 -28.40 9.30
N TYR A 569 7.94 -28.73 10.34
CA TYR A 569 8.72 -29.96 10.39
C TYR A 569 8.42 -30.75 11.63
N ASP A 570 8.85 -32.01 11.69
CA ASP A 570 8.99 -32.74 12.95
C ASP A 570 9.97 -32.01 13.88
N GLU A 571 9.86 -32.28 15.19
CA GLU A 571 10.67 -31.59 16.19
C GLU A 571 12.18 -31.82 16.06
N ASP A 572 12.56 -33.01 15.65
CA ASP A 572 14.00 -33.30 15.50
C ASP A 572 14.61 -32.35 14.45
N ASN A 573 13.94 -32.22 13.33
CA ASN A 573 14.43 -31.32 12.29
C ASN A 573 14.49 -29.87 12.77
N TRP A 574 13.45 -29.42 13.43
CA TRP A 574 13.48 -28.11 14.08
C TRP A 574 14.73 -27.96 14.94
N ARG A 575 15.06 -28.98 15.71
CA ARG A 575 16.23 -28.87 16.58
C ARG A 575 17.53 -28.80 15.82
N MET A 576 17.66 -29.55 14.73
CA MET A 576 18.86 -29.47 13.89
C MET A 576 19.02 -28.07 13.28
N ILE A 577 17.91 -27.53 12.75
CA ILE A 577 17.92 -26.16 12.27
C ILE A 577 18.40 -25.20 13.38
N GLN A 578 17.76 -25.28 14.54
CA GLN A 578 18.18 -24.49 15.70
C GLN A 578 19.70 -24.64 16.01
N HIS A 579 20.17 -25.87 16.08
CA HIS A 579 21.60 -26.11 16.34
C HIS A 579 22.47 -25.42 15.32
N GLN A 580 22.08 -25.50 14.06
CA GLN A 580 22.80 -24.85 12.98
C GLN A 580 22.89 -23.34 13.17
N LEU A 581 21.73 -22.72 13.45
CA LEU A 581 21.67 -21.27 13.60
C LEU A 581 22.45 -20.82 14.83
N GLN A 582 22.56 -21.74 15.79
CA GLN A 582 23.35 -21.47 16.99
C GLN A 582 24.86 -21.51 16.75
N THR A 583 25.30 -22.24 15.72
CA THR A 583 26.73 -22.57 15.57
C THR A 583 27.40 -21.96 14.34
N ASN A 584 26.74 -22.03 13.17
CA ASN A 584 27.15 -21.22 12.04
C ASN A 584 25.87 -20.78 11.26
N LEU A 585 25.39 -19.59 11.57
CA LEU A 585 24.06 -19.14 11.05
C LEU A 585 24.11 -18.86 9.56
N SER A 586 25.32 -18.56 9.05
CA SER A 586 25.50 -18.08 7.70
C SER A 586 25.32 -19.18 6.66
N VAL A 587 25.22 -20.42 7.12
CA VAL A 587 24.88 -21.55 6.29
C VAL A 587 23.43 -21.49 5.80
N ILE A 588 22.58 -20.75 6.50
CA ILE A 588 21.18 -20.64 6.10
C ILE A 588 20.86 -19.21 5.65
N PRO A 589 20.31 -19.08 4.43
CA PRO A 589 20.06 -17.77 3.85
C PRO A 589 19.34 -16.86 4.83
N VAL A 590 19.68 -15.58 4.85
CA VAL A 590 19.11 -14.67 5.80
C VAL A 590 17.56 -14.64 5.76
N ILE A 591 16.99 -14.74 4.58
CA ILE A 591 15.54 -14.73 4.46
C ILE A 591 14.98 -15.93 5.18
N ASN A 592 15.65 -17.07 5.07
CA ASN A 592 15.15 -18.29 5.73
C ASN A 592 15.36 -18.28 7.25
N ARG A 593 16.41 -17.59 7.72
CA ARG A 593 16.57 -17.37 9.12
C ARG A 593 15.37 -16.63 9.68
N ALA A 594 14.78 -15.73 8.87
CA ALA A 594 13.59 -15.01 9.24
C ALA A 594 12.37 -15.91 9.19
N GLN A 595 12.26 -16.69 8.12
CA GLN A 595 11.14 -17.57 7.87
C GLN A 595 10.86 -18.53 9.03
N VAL A 596 11.96 -19.11 9.51
CA VAL A 596 11.92 -20.04 10.65
C VAL A 596 11.17 -19.44 11.83
N ILE A 597 11.37 -18.17 12.03
CA ILE A 597 10.70 -17.41 13.09
C ILE A 597 9.25 -17.03 12.70
N TYR A 598 9.06 -16.48 11.50
CA TYR A 598 7.75 -16.14 11.04
C TYR A 598 6.80 -17.34 11.07
N ASP A 599 7.19 -18.43 10.41
CA ASP A 599 6.34 -19.59 10.30
C ASP A 599 6.03 -20.24 11.67
N SER A 600 7.03 -20.45 12.49
CA SER A 600 6.84 -21.18 13.75
C SER A 600 5.87 -20.46 14.70
N PHE A 601 5.92 -19.12 14.73
CA PHE A 601 4.96 -18.37 15.52
C PHE A 601 3.55 -18.49 14.98
N ASN A 602 3.40 -18.49 13.66
CA ASN A 602 2.09 -18.75 13.06
C ASN A 602 1.60 -20.19 13.35
N LEU A 603 2.50 -21.13 13.24
CA LEU A 603 2.23 -22.53 13.56
C LEU A 603 1.81 -22.72 15.05
N ALA A 604 2.49 -21.99 15.92
CA ALA A 604 2.13 -22.00 17.34
C ALA A 604 0.72 -21.46 17.57
N THR A 605 0.41 -20.32 16.93
CA THR A 605 -0.95 -19.79 16.94
C THR A 605 -1.97 -20.84 16.50
N ALA A 606 -1.65 -21.59 15.45
CA ALA A 606 -2.57 -22.55 14.86
C ALA A 606 -2.59 -23.87 15.63
N HIS A 607 -1.82 -23.92 16.73
CA HIS A 607 -1.67 -25.12 17.58
C HIS A 607 -0.97 -26.28 16.88
N MET A 608 -0.09 -25.98 15.94
CA MET A 608 0.59 -27.01 15.17
C MET A 608 2.00 -27.25 15.67
N VAL A 609 2.55 -26.31 16.39
CA VAL A 609 3.74 -26.52 17.20
C VAL A 609 3.49 -25.89 18.59
N PRO A 610 4.22 -26.32 19.63
CA PRO A 610 4.10 -25.61 20.90
C PRO A 610 4.75 -24.21 20.80
N VAL A 611 4.25 -23.28 21.61
CA VAL A 611 4.73 -21.92 21.55
C VAL A 611 6.18 -21.84 21.96
N THR A 612 6.63 -22.77 22.81
CA THR A 612 8.00 -22.77 23.27
C THR A 612 8.95 -23.10 22.14
N LEU A 613 8.44 -23.80 21.13
CA LEU A 613 9.26 -24.16 19.95
C LEU A 613 9.53 -22.92 19.13
N ALA A 614 8.52 -22.08 19.00
CA ALA A 614 8.66 -20.76 18.37
C ALA A 614 9.63 -19.86 19.08
N LEU A 615 9.54 -19.80 20.42
CA LEU A 615 10.50 -19.03 21.22
C LEU A 615 11.93 -19.58 21.13
N ASP A 616 12.07 -20.91 21.14
CA ASP A 616 13.36 -21.55 20.87
C ASP A 616 13.97 -21.04 19.55
N ASN A 617 13.12 -20.77 18.56
CA ASN A 617 13.59 -20.27 17.26
C ASN A 617 14.17 -18.85 17.32
N THR A 618 14.06 -18.16 18.45
CA THR A 618 14.67 -16.85 18.60
C THR A 618 16.03 -16.92 19.33
N LEU A 619 16.38 -18.10 19.84
CA LEU A 619 17.56 -18.22 20.70
C LEU A 619 18.83 -17.86 19.98
N PHE A 620 18.88 -18.14 18.68
CA PHE A 620 20.08 -17.85 17.90
C PHE A 620 20.35 -16.36 17.73
N LEU A 621 19.40 -15.50 18.08
CA LEU A 621 19.45 -14.10 17.68
C LEU A 621 20.52 -13.30 18.36
N ASN A 622 21.04 -13.82 19.46
CA ASN A 622 22.13 -13.14 20.18
C ASN A 622 23.40 -13.03 19.36
N GLY A 623 23.50 -13.81 18.28
CA GLY A 623 24.62 -13.70 17.34
C GLY A 623 24.18 -13.24 15.96
N GLU A 624 22.94 -12.81 15.84
CA GLU A 624 22.40 -12.37 14.55
C GLU A 624 22.65 -10.91 14.35
N LYS A 625 23.33 -10.57 13.27
CA LYS A 625 23.61 -9.17 12.99
C LYS A 625 22.62 -8.57 11.98
N GLU A 626 21.91 -9.41 11.26
CA GLU A 626 21.17 -8.93 10.08
C GLU A 626 19.76 -8.51 10.42
N TYR A 627 19.20 -7.67 9.57
CA TYR A 627 17.93 -7.03 9.89
C TYR A 627 16.78 -8.03 9.98
N MET A 628 16.60 -8.85 8.95
CA MET A 628 15.37 -9.57 8.78
C MET A 628 14.97 -10.52 9.91
N PRO A 629 15.89 -11.40 10.32
CA PRO A 629 15.49 -12.35 11.36
C PRO A 629 15.08 -11.60 12.62
N TRP A 630 15.79 -10.52 12.95
CA TRP A 630 15.46 -9.72 14.11
C TRP A 630 14.06 -9.08 13.97
N GLN A 631 13.74 -8.68 12.77
CA GLN A 631 12.44 -8.08 12.48
C GLN A 631 11.33 -9.12 12.57
N ALA A 632 11.64 -10.33 12.20
CA ALA A 632 10.68 -11.44 12.30
C ALA A 632 10.30 -11.62 13.78
N ALA A 633 11.30 -11.61 14.63
CA ALA A 633 11.12 -11.78 16.07
C ALA A 633 10.32 -10.62 16.66
N LEU A 634 10.72 -9.39 16.33
CA LEU A 634 10.05 -8.22 16.85
C LEU A 634 8.59 -8.16 16.45
N SER A 635 8.28 -8.52 15.21
CA SER A 635 6.90 -8.55 14.74
C SER A 635 6.13 -9.62 15.42
N SER A 636 6.73 -10.78 15.57
CA SER A 636 6.03 -11.92 16.18
C SER A 636 5.82 -11.76 17.68
N LEU A 637 6.65 -10.95 18.33
CA LEU A 637 6.60 -10.78 19.79
C LEU A 637 5.80 -9.55 20.23
N SER A 638 5.50 -8.64 19.30
CA SER A 638 4.84 -7.43 19.72
C SER A 638 3.48 -7.76 20.39
N TYR A 639 2.81 -8.80 19.88
CA TYR A 639 1.58 -9.30 20.53
C TYR A 639 1.85 -9.79 21.98
N PHE A 640 3.00 -10.41 22.19
CA PHE A 640 3.40 -10.91 23.54
C PHE A 640 3.61 -9.75 24.48
N SER A 641 4.30 -8.74 24.00
CA SER A 641 4.45 -7.49 24.74
C SER A 641 3.10 -6.87 25.03
N LEU A 642 2.23 -6.86 24.03
CA LEU A 642 0.90 -6.31 24.18
C LEU A 642 0.06 -7.05 25.20
N MET A 643 0.16 -8.36 25.23
CA MET A 643 -0.61 -9.13 26.22
C MET A 643 0.00 -9.09 27.63
N PHE A 644 1.30 -9.07 27.74
CA PHE A 644 1.99 -9.36 28.98
C PHE A 644 2.69 -8.18 29.65
N ASP A 645 2.73 -7.03 29.00
CA ASP A 645 3.56 -5.93 29.52
C ASP A 645 3.00 -5.27 30.80
N ARG A 646 1.83 -5.72 31.28
CA ARG A 646 1.34 -5.35 32.60
C ARG A 646 1.35 -6.51 33.63
N SER A 647 2.09 -7.58 33.33
CA SER A 647 2.03 -8.79 34.08
C SER A 647 3.39 -9.26 34.55
N GLU A 648 3.39 -10.27 35.40
CA GLU A 648 4.59 -10.91 35.90
C GLU A 648 5.50 -11.47 34.81
N VAL A 649 4.92 -11.76 33.64
CA VAL A 649 5.68 -12.27 32.54
C VAL A 649 6.69 -11.24 32.02
N TYR A 650 6.47 -9.97 32.31
CA TYR A 650 7.15 -8.93 31.59
C TYR A 650 8.61 -8.80 31.94
N GLY A 651 8.93 -8.92 33.24
CA GLY A 651 10.34 -8.81 33.64
C GLY A 651 11.29 -9.80 32.98
N PRO A 652 10.91 -11.08 32.97
CA PRO A 652 11.70 -12.10 32.29
C PRO A 652 11.73 -11.90 30.77
N MET A 653 10.63 -11.40 30.20
CA MET A 653 10.62 -11.05 28.77
C MET A 653 11.63 -9.97 28.45
N LYS A 654 11.57 -8.86 29.15
CA LYS A 654 12.56 -7.78 29.01
C LYS A 654 13.96 -8.30 29.20
N LYS A 655 14.16 -9.09 30.26
CA LYS A 655 15.49 -9.58 30.55
C LYS A 655 16.01 -10.44 29.43
N TYR A 656 15.18 -11.35 28.95
CA TYR A 656 15.54 -12.20 27.80
C TYR A 656 15.91 -11.36 26.56
N LEU A 657 15.07 -10.37 26.24
CA LEU A 657 15.34 -9.54 25.06
C LEU A 657 16.60 -8.68 25.24
N ARG A 658 16.82 -8.18 26.46
CA ARG A 658 18.07 -7.50 26.80
C ARG A 658 19.30 -8.39 26.55
N LYS A 659 19.22 -9.62 27.04
CA LYS A 659 20.31 -10.56 26.82
C LYS A 659 20.55 -10.77 25.32
N GLN A 660 19.45 -10.89 24.56
CA GLN A 660 19.57 -11.20 23.14
C GLN A 660 20.15 -10.06 22.33
N VAL A 661 19.77 -8.85 22.66
CA VAL A 661 20.08 -7.70 21.84
C VAL A 661 21.37 -7.00 22.27
N GLU A 662 21.90 -7.36 23.44
CA GLU A 662 23.06 -6.63 23.95
C GLU A 662 24.26 -6.73 23.00
N PRO A 663 24.60 -7.95 22.56
CA PRO A 663 25.72 -8.12 21.63
C PRO A 663 25.60 -7.36 20.31
N LEU A 664 24.37 -7.32 19.78
CA LEU A 664 24.10 -6.49 18.59
C LEU A 664 24.32 -5.01 18.88
N PHE A 665 23.81 -4.56 20.03
CA PHE A 665 24.04 -3.17 20.46
C PHE A 665 25.55 -2.90 20.50
N GLN A 666 26.29 -3.83 21.10
CA GLN A 666 27.74 -3.71 21.21
C GLN A 666 28.38 -3.69 19.83
N HIS A 667 27.92 -4.59 18.95
CA HIS A 667 28.45 -4.66 17.59
C HIS A 667 28.34 -3.31 16.89
N PHE A 668 27.18 -2.66 16.96
CA PHE A 668 26.99 -1.41 16.27
C PHE A 668 27.71 -0.27 16.96
N GLU A 669 27.81 -0.36 18.29
CA GLU A 669 28.61 0.63 19.03
C GLU A 669 30.00 0.76 18.45
N THR A 670 30.60 -0.39 18.14
CA THR A 670 31.95 -0.42 17.54
C THR A 670 31.89 -0.03 16.08
N LEU A 671 31.04 -0.71 15.30
CA LEU A 671 30.94 -0.48 13.87
C LEU A 671 30.71 1.00 13.53
N THR A 672 29.82 1.66 14.27
CA THR A 672 29.44 3.04 13.97
C THR A 672 30.40 4.05 14.53
N LYS A 673 31.48 3.57 15.16
CA LYS A 673 32.51 4.45 15.74
C LYS A 673 31.91 5.32 16.82
N ASN A 674 31.30 4.68 17.81
CA ASN A 674 30.67 5.41 18.93
C ASN A 674 29.47 6.14 18.42
N TRP A 675 28.83 5.55 17.41
CA TRP A 675 27.54 6.03 16.88
C TRP A 675 27.68 7.28 16.00
N THR A 676 28.92 7.64 15.66
CA THR A 676 29.16 8.81 14.83
C THR A 676 28.79 8.65 13.36
N GLU A 677 28.88 7.43 12.83
CA GLU A 677 28.58 7.23 11.40
C GLU A 677 27.79 5.94 11.19
N ARG A 678 26.73 6.06 10.40
CA ARG A 678 25.78 4.96 10.17
C ARG A 678 26.43 3.83 9.40
N PRO A 679 25.85 2.63 9.50
CA PRO A 679 26.27 1.57 8.59
C PRO A 679 25.97 1.94 7.13
N GLU A 680 26.64 1.26 6.19
CA GLU A 680 26.59 1.70 4.80
C GLU A 680 25.29 1.37 4.11
N ASN A 681 24.92 0.08 4.08
CA ASN A 681 23.78 -0.34 3.25
C ASN A 681 22.47 -0.32 4.06
N LEU A 682 21.36 -0.46 3.36
CA LEU A 682 20.04 -0.23 3.95
C LEU A 682 19.76 -1.23 5.06
N MET A 683 19.97 -2.51 4.76
CA MET A 683 19.64 -3.56 5.66
C MET A 683 20.36 -3.41 6.99
N ASP A 684 21.62 -2.99 6.95
CA ASP A 684 22.37 -2.81 8.16
C ASP A 684 21.95 -1.59 8.93
N GLN A 685 21.59 -0.53 8.23
CA GLN A 685 20.97 0.65 8.87
C GLN A 685 19.69 0.26 9.58
N TYR A 686 18.88 -0.57 8.94
CA TYR A 686 17.64 -1.03 9.50
C TYR A 686 17.94 -1.88 10.73
N SER A 687 18.95 -2.74 10.65
CA SER A 687 19.27 -3.58 11.79
C SER A 687 19.68 -2.73 12.97
N GLU A 688 20.52 -1.75 12.72
CA GLU A 688 20.91 -0.76 13.74
C GLU A 688 19.69 -0.06 14.34
N ILE A 689 18.78 0.42 13.49
CA ILE A 689 17.59 1.08 13.99
C ILE A 689 16.86 0.18 14.98
N ASN A 690 16.65 -1.07 14.58
CA ASN A 690 15.89 -2.03 15.41
C ASN A 690 16.65 -2.41 16.69
N ALA A 691 17.97 -2.56 16.56
CA ALA A 691 18.80 -2.90 17.71
C ALA A 691 18.71 -1.83 18.77
N ILE A 692 18.76 -0.56 18.35
CA ILE A 692 18.66 0.55 19.31
C ILE A 692 17.27 0.64 19.87
N SER A 693 16.26 0.58 19.01
CA SER A 693 14.87 0.50 19.48
C SER A 693 14.70 -0.63 20.55
N THR A 694 15.09 -1.83 20.19
CA THR A 694 14.93 -2.97 21.05
C THR A 694 15.74 -2.82 22.36
N ALA A 695 17.00 -2.45 22.26
CA ALA A 695 17.83 -2.25 23.44
C ALA A 695 17.17 -1.24 24.38
N CYS A 696 16.71 -0.11 23.85
CA CYS A 696 16.24 0.99 24.68
C CYS A 696 14.89 0.68 25.35
N SER A 697 13.96 0.12 24.58
CA SER A 697 12.63 -0.13 25.06
C SER A 697 12.65 -1.27 26.07
N ASN A 698 13.68 -2.09 26.04
CA ASN A 698 13.83 -3.17 27.01
C ASN A 698 14.77 -2.81 28.19
N GLY A 699 15.21 -1.57 28.24
CA GLY A 699 15.94 -1.09 29.36
C GLY A 699 17.38 -1.51 29.45
N LEU A 700 18.07 -1.62 28.31
CA LEU A 700 19.54 -1.76 28.29
C LEU A 700 20.18 -0.45 28.77
N PRO A 701 20.82 -0.45 29.93
CA PRO A 701 21.41 0.79 30.45
C PRO A 701 22.29 1.54 29.45
N GLN A 702 23.05 0.81 28.63
CA GLN A 702 23.89 1.44 27.63
C GLN A 702 23.09 2.27 26.61
N CYS A 703 21.99 1.72 26.12
CA CYS A 703 21.12 2.47 25.20
C CYS A 703 20.45 3.63 25.88
N GLU A 704 19.99 3.40 27.11
CA GLU A 704 19.39 4.47 27.93
C GLU A 704 20.36 5.66 28.10
N ASN A 705 21.59 5.33 28.42
CA ASN A 705 22.63 6.36 28.52
C ASN A 705 22.82 7.15 27.24
N LEU A 706 22.86 6.43 26.12
CA LEU A 706 23.05 7.04 24.79
C LEU A 706 21.94 8.06 24.48
N ALA A 707 20.70 7.66 24.74
CA ALA A 707 19.56 8.51 24.50
C ALA A 707 19.57 9.78 25.37
N LYS A 708 19.93 9.63 26.66
CA LYS A 708 20.03 10.79 27.53
C LYS A 708 21.12 11.74 27.06
N THR A 709 22.29 11.21 26.75
CA THR A 709 23.42 12.04 26.32
C THR A 709 23.06 12.88 25.10
N LEU A 710 22.48 12.23 24.12
CA LEU A 710 22.15 12.91 22.86
C LEU A 710 21.05 13.93 23.03
N PHE A 711 20.05 13.58 23.82
CA PHE A 711 18.93 14.50 24.06
C PHE A 711 19.34 15.66 24.95
N ASP A 712 20.22 15.42 25.92
CA ASP A 712 20.81 16.55 26.67
C ASP A 712 21.61 17.45 25.71
N GLN A 713 22.44 16.84 24.91
CA GLN A 713 23.18 17.58 23.88
C GLN A 713 22.25 18.47 23.01
N TRP A 714 21.23 17.87 22.44
CA TRP A 714 20.27 18.62 21.64
C TRP A 714 19.66 19.79 22.39
N MET A 715 19.30 19.57 23.64
CA MET A 715 18.67 20.57 24.47
C MET A 715 19.61 21.72 24.79
N SER A 716 20.91 21.44 24.90
CA SER A 716 21.88 22.49 25.13
C SER A 716 22.18 23.27 23.83
N ASP A 717 21.73 22.75 22.69
CA ASP A 717 21.95 23.43 21.40
C ASP A 717 20.86 23.07 20.39
N PRO A 718 19.65 23.64 20.57
CA PRO A 718 18.45 23.32 19.83
C PRO A 718 18.56 23.42 18.30
N GLU A 719 19.35 24.38 17.80
CA GLU A 719 19.42 24.61 16.33
C GLU A 719 20.24 23.53 15.63
N ASN A 720 21.06 22.82 16.39
CA ASN A 720 21.94 21.77 15.84
C ASN A 720 21.60 20.42 16.43
N ASN A 721 20.54 19.80 15.91
CA ASN A 721 20.10 18.51 16.39
C ASN A 721 21.16 17.47 16.13
N PRO A 722 21.70 16.84 17.17
CA PRO A 722 22.78 15.88 16.99
C PRO A 722 22.33 14.48 16.66
N ILE A 723 21.03 14.24 16.56
CA ILE A 723 20.53 12.87 16.47
C ILE A 723 20.22 12.51 15.03
N HIS A 724 20.89 11.50 14.50
CA HIS A 724 20.66 11.12 13.12
C HIS A 724 19.21 10.76 12.90
N PRO A 725 18.62 11.17 11.76
CA PRO A 725 17.20 10.93 11.54
C PRO A 725 16.77 9.48 11.70
N ASN A 726 17.67 8.52 11.40
CA ASN A 726 17.37 7.10 11.56
C ASN A 726 17.03 6.76 13.01
N LEU A 727 17.70 7.41 13.97
CA LEU A 727 17.62 7.04 15.38
C LEU A 727 16.65 7.92 16.17
N ARG A 728 16.05 8.90 15.51
CA ARG A 728 15.32 9.94 16.22
C ARG A 728 14.16 9.41 17.07
N SER A 729 13.38 8.51 16.50
CA SER A 729 12.13 8.07 17.15
C SER A 729 12.43 7.33 18.50
N THR A 730 13.45 6.48 18.52
CA THR A 730 13.88 5.84 19.74
C THR A 730 14.54 6.81 20.73
N ILE A 731 15.49 7.61 20.24
CA ILE A 731 16.22 8.48 21.11
C ILE A 731 15.31 9.54 21.76
N TYR A 732 14.40 10.11 20.96
CA TYR A 732 13.40 11.02 21.52
C TYR A 732 12.56 10.33 22.57
N CYS A 733 12.07 9.14 22.26
CA CYS A 733 11.09 8.45 23.10
C CYS A 733 11.78 8.05 24.44
N ASN A 734 12.91 7.36 24.35
CA ASN A 734 13.60 6.92 25.51
C ASN A 734 14.03 8.05 26.42
N ALA A 735 14.40 9.18 25.82
CA ALA A 735 14.91 10.29 26.59
C ALA A 735 13.76 11.05 27.27
N ILE A 736 12.61 11.17 26.62
CA ILE A 736 11.44 11.76 27.25
C ILE A 736 10.97 10.86 28.41
N ALA A 737 10.96 9.55 28.14
CA ALA A 737 10.63 8.56 29.17
C ALA A 737 11.49 8.74 30.43
N GLN A 738 12.79 8.81 30.25
CA GLN A 738 13.73 9.00 31.35
C GLN A 738 13.58 10.29 32.07
N GLY A 739 13.04 11.30 31.43
CA GLY A 739 13.07 12.66 31.97
C GLY A 739 11.70 13.13 32.43
N GLY A 740 11.59 14.43 32.67
CA GLY A 740 10.37 15.03 33.19
C GLY A 740 9.86 16.10 32.30
N GLN A 741 9.34 17.17 32.91
CA GLN A 741 8.76 18.26 32.16
C GLN A 741 9.78 19.13 31.37
N ASP A 742 11.05 19.05 31.72
CA ASP A 742 12.06 19.77 30.96
C ASP A 742 12.20 19.18 29.54
N GLN A 743 12.50 17.90 29.46
CA GLN A 743 12.48 17.20 28.21
C GLN A 743 11.16 17.30 27.49
N TRP A 744 10.06 17.17 28.24
CA TRP A 744 8.73 17.19 27.63
C TRP A 744 8.44 18.57 27.01
N ASP A 745 8.66 19.64 27.78
CA ASP A 745 8.40 21.00 27.29
C ASP A 745 9.28 21.39 26.13
N PHE A 746 10.50 20.92 26.16
CA PHE A 746 11.46 21.18 25.07
C PHE A 746 10.98 20.56 23.75
N ALA A 747 10.63 19.29 23.81
CA ALA A 747 10.14 18.57 22.64
C ALA A 747 8.79 19.09 22.17
N TRP A 748 8.00 19.64 23.11
CA TRP A 748 6.73 20.24 22.76
C TRP A 748 6.97 21.47 21.89
N GLY A 749 7.87 22.34 22.36
CA GLY A 749 8.30 23.51 21.59
C GLY A 749 8.76 23.12 20.18
N GLN A 750 9.65 22.14 20.08
CA GLN A 750 10.14 21.68 18.79
C GLN A 750 9.03 21.22 17.88
N LEU A 751 8.07 20.48 18.45
CA LEU A 751 6.90 20.04 17.72
C LEU A 751 6.11 21.21 17.16
N GLN A 752 5.98 22.26 17.95
CA GLN A 752 5.10 23.37 17.56
C GLN A 752 5.71 24.18 16.42
N GLN A 753 7.03 24.09 16.26
CA GLN A 753 7.73 24.90 15.28
C GLN A 753 8.37 24.06 14.18
N ALA A 754 8.16 22.75 14.24
CA ALA A 754 8.61 21.86 13.19
C ALA A 754 7.95 22.30 11.88
N GLN A 755 8.74 22.28 10.80
CA GLN A 755 8.16 22.60 9.46
C GLN A 755 7.78 21.35 8.72
N LEU A 756 8.41 20.24 9.06
CA LEU A 756 8.32 19.00 8.28
C LEU A 756 7.46 18.00 8.96
N VAL A 757 6.49 17.44 8.25
CA VAL A 757 5.52 16.53 8.83
C VAL A 757 6.20 15.39 9.55
N ASN A 758 7.14 14.72 8.90
CA ASN A 758 7.77 13.52 9.43
C ASN A 758 8.44 13.74 10.77
N GLU A 759 9.08 14.90 10.94
CA GLU A 759 9.71 15.25 12.19
C GLU A 759 8.65 15.58 13.24
N ALA A 760 7.59 16.23 12.83
CA ALA A 760 6.43 16.44 13.69
C ALA A 760 5.84 15.10 14.17
N ASP A 761 5.67 14.15 13.25
CA ASP A 761 5.20 12.81 13.62
C ASP A 761 6.06 12.15 14.71
N LYS A 762 7.37 12.21 14.56
CA LYS A 762 8.29 11.62 15.51
C LYS A 762 8.19 12.24 16.89
N LEU A 763 8.03 13.56 16.91
CA LEU A 763 7.94 14.32 18.13
C LEU A 763 6.64 14.00 18.86
N ARG A 764 5.54 14.04 18.10
CA ARG A 764 4.20 13.75 18.62
C ARG A 764 4.21 12.38 19.29
N SER A 765 4.87 11.42 18.66
CA SER A 765 4.85 10.07 19.12
C SER A 765 5.77 9.87 20.33
N ALA A 766 6.90 10.60 20.36
CA ALA A 766 7.84 10.49 21.49
C ALA A 766 7.29 11.14 22.74
N LEU A 767 6.50 12.18 22.58
CA LEU A 767 5.91 12.86 23.71
C LEU A 767 5.00 11.90 24.52
N ALA A 768 4.47 10.89 23.83
CA ALA A 768 3.63 9.90 24.49
C ALA A 768 4.42 8.91 25.35
N CYS A 769 5.73 9.08 25.39
CA CYS A 769 6.61 8.12 26.06
C CYS A 769 6.94 8.52 27.50
N SER A 770 6.48 9.69 27.91
CA SER A 770 6.69 10.15 29.27
C SER A 770 6.16 9.11 30.26
N ASN A 771 6.80 8.99 31.40
CA ASN A 771 6.32 8.06 32.44
C ASN A 771 5.62 8.79 33.58
N GLU A 772 5.31 10.06 33.37
CA GLU A 772 4.54 10.83 34.30
C GLU A 772 3.08 10.90 33.89
N VAL A 773 2.21 10.47 34.79
CA VAL A 773 0.79 10.43 34.54
C VAL A 773 0.30 11.83 34.22
N TRP A 774 0.74 12.80 35.01
CA TRP A 774 0.24 14.17 34.88
C TRP A 774 0.57 14.80 33.47
N LEU A 775 1.70 14.40 32.89
CA LEU A 775 2.09 14.87 31.57
C LEU A 775 1.26 14.23 30.48
N LEU A 776 1.04 12.93 30.59
CA LEU A 776 0.20 12.21 29.65
C LEU A 776 -1.25 12.71 29.63
N ASN A 777 -1.78 13.02 30.81
CA ASN A 777 -3.13 13.56 30.92
C ASN A 777 -3.25 14.97 30.32
N ARG A 778 -2.34 15.86 30.71
CA ARG A 778 -2.21 17.16 30.11
C ARG A 778 -2.10 17.03 28.58
N TYR A 779 -1.24 16.13 28.14
CA TYR A 779 -1.07 15.87 26.73
C TYR A 779 -2.37 15.42 26.05
N LEU A 780 -3.07 14.48 26.69
CA LEU A 780 -4.38 14.06 26.25
C LEU A 780 -5.29 15.27 26.13
N GLY A 781 -5.16 16.19 27.05
CA GLY A 781 -5.97 17.42 27.05
C GLY A 781 -5.75 18.30 25.83
N TYR A 782 -4.62 18.11 25.15
CA TYR A 782 -4.29 18.91 23.97
C TYR A 782 -4.85 18.31 22.69
N THR A 783 -5.10 17.00 22.68
CA THR A 783 -5.28 16.27 21.45
C THR A 783 -6.53 16.69 20.71
N LEU A 784 -7.46 17.35 21.42
CA LEU A 784 -8.70 17.78 20.81
C LEU A 784 -8.67 19.30 20.55
N ASN A 785 -7.60 19.97 21.00
CA ASN A 785 -7.35 21.37 20.65
C ASN A 785 -6.64 21.43 19.27
N PRO A 786 -7.37 21.94 18.23
CA PRO A 786 -6.89 21.97 16.85
C PRO A 786 -5.81 23.01 16.63
N ASP A 787 -5.73 23.98 17.56
CA ASP A 787 -4.57 24.90 17.62
C ASP A 787 -3.25 24.23 17.99
N LEU A 788 -3.29 23.23 18.89
CA LEU A 788 -2.06 22.53 19.33
C LEU A 788 -1.81 21.23 18.59
N ILE A 789 -2.89 20.51 18.25
CA ILE A 789 -2.74 19.26 17.53
C ILE A 789 -3.72 19.20 16.34
N ARG A 790 -3.16 19.08 15.14
CA ARG A 790 -3.98 18.96 13.92
C ARG A 790 -5.04 17.86 14.15
N LYS A 791 -6.26 18.14 13.74
CA LYS A 791 -7.38 17.18 13.92
C LYS A 791 -7.06 15.84 13.30
N GLN A 792 -6.47 15.84 12.10
CA GLN A 792 -6.14 14.61 11.42
C GLN A 792 -5.09 13.85 12.20
N ASP A 793 -4.65 14.39 13.35
CA ASP A 793 -3.59 13.74 14.13
C ASP A 793 -4.04 13.39 15.54
N ALA A 794 -5.32 13.62 15.85
CA ALA A 794 -5.78 13.59 17.24
C ALA A 794 -5.89 12.14 17.75
N THR A 795 -6.46 11.28 16.93
CA THR A 795 -6.69 9.93 17.32
C THR A 795 -5.40 9.13 17.29
N SER A 796 -4.53 9.48 16.36
CA SER A 796 -3.15 8.98 16.35
C SER A 796 -2.43 9.28 17.68
N THR A 797 -2.53 10.49 18.17
CA THR A 797 -1.84 10.91 19.38
C THR A 797 -2.41 10.17 20.60
N ILE A 798 -3.74 10.07 20.67
CA ILE A 798 -4.40 9.30 21.70
C ILE A 798 -3.92 7.84 21.66
N ASN A 799 -3.84 7.23 20.48
CA ASN A 799 -3.35 5.86 20.36
C ASN A 799 -1.93 5.70 20.85
N SER A 800 -1.10 6.69 20.59
CA SER A 800 0.26 6.64 21.02
C SER A 800 0.35 6.70 22.55
N ILE A 801 -0.55 7.44 23.16
CA ILE A 801 -0.59 7.52 24.61
C ILE A 801 -1.08 6.19 25.18
N ALA A 802 -2.08 5.62 24.53
CA ALA A 802 -2.62 4.33 24.89
C ALA A 802 -1.55 3.26 24.83
N SER A 803 -0.60 3.42 23.90
CA SER A 803 0.50 2.48 23.74
C SER A 803 1.45 2.49 24.92
N ASN A 804 1.55 3.61 25.58
CA ASN A 804 2.32 3.71 26.83
C ASN A 804 1.59 2.96 27.93
N VAL A 805 2.26 1.93 28.48
CA VAL A 805 1.65 1.08 29.51
C VAL A 805 1.01 1.95 30.62
N ILE A 806 1.62 3.08 30.90
CA ILE A 806 1.11 3.99 31.89
C ILE A 806 -0.05 4.83 31.35
N GLY A 807 0.00 5.13 30.05
CA GLY A 807 -1.07 5.89 29.42
C GLY A 807 -2.29 5.07 28.99
N GLN A 808 -2.21 3.74 29.10
CA GLN A 808 -3.32 2.87 28.79
C GLN A 808 -4.60 3.27 29.52
N PRO A 809 -4.59 3.26 30.89
CA PRO A 809 -5.83 3.62 31.58
C PRO A 809 -6.24 5.05 31.35
N LEU A 810 -5.26 5.92 31.18
CA LEU A 810 -5.52 7.37 30.94
C LEU A 810 -6.25 7.56 29.59
N ALA A 811 -5.74 6.92 28.54
CA ALA A 811 -6.36 7.03 27.23
C ALA A 811 -7.75 6.43 27.22
N TRP A 812 -7.89 5.25 27.80
CA TRP A 812 -9.17 4.55 27.86
C TRP A 812 -10.21 5.37 28.59
N ASP A 813 -9.86 5.90 29.75
CA ASP A 813 -10.73 6.84 30.45
C ASP A 813 -11.08 8.05 29.60
N PHE A 814 -10.09 8.55 28.85
CA PHE A 814 -10.29 9.74 28.06
C PHE A 814 -11.26 9.48 26.88
N VAL A 815 -11.10 8.33 26.23
CA VAL A 815 -11.98 7.97 25.12
C VAL A 815 -13.41 7.72 25.60
N GLN A 816 -13.57 6.87 26.59
CA GLN A 816 -14.86 6.68 27.27
C GLN A 816 -15.58 7.99 27.54
N SER A 817 -14.87 8.94 28.16
CA SER A 817 -15.50 10.11 28.73
C SER A 817 -15.86 11.12 27.65
N ASN A 818 -15.03 11.22 26.65
CA ASN A 818 -15.22 12.19 25.55
C ASN A 818 -15.80 11.55 24.34
N TRP A 819 -16.35 10.35 24.50
CA TRP A 819 -17.01 9.62 23.40
C TRP A 819 -18.13 10.49 22.87
N LYS A 820 -18.97 10.96 23.79
CA LYS A 820 -19.73 12.20 23.61
C LYS A 820 -18.96 13.32 22.84
N LYS A 821 -18.38 12.92 21.70
CA LYS A 821 -17.82 13.84 20.70
C LYS A 821 -17.73 13.11 19.37
N LEU A 822 -18.54 12.05 19.21
CA LEU A 822 -18.87 11.54 17.89
C LEU A 822 -19.66 12.62 17.17
N PHE A 823 -20.54 13.31 17.90
CA PHE A 823 -21.37 14.37 17.31
C PHE A 823 -20.67 15.75 17.21
N GLN A 824 -19.36 15.77 17.39
CA GLN A 824 -18.49 16.81 16.86
C GLN A 824 -17.69 16.33 15.69
N ASP A 825 -17.58 15.00 15.51
CA ASP A 825 -16.63 14.48 14.56
C ASP A 825 -17.01 13.30 13.71
N TYR A 826 -18.29 12.95 13.67
CA TYR A 826 -18.80 12.28 12.42
C TYR A 826 -19.22 13.33 11.39
N GLY A 827 -19.42 14.58 11.87
CA GLY A 827 -19.86 15.73 11.05
C GLY A 827 -18.73 16.61 10.52
N GLY A 828 -17.79 16.98 11.41
CA GLY A 828 -16.65 17.87 11.03
C GLY A 828 -15.39 17.12 10.72
N GLY A 829 -15.30 16.54 9.50
CA GLY A 829 -14.22 15.62 9.10
C GLY A 829 -14.45 14.22 9.72
N SER A 830 -14.06 13.16 8.96
CA SER A 830 -14.29 11.74 9.38
C SER A 830 -13.94 11.51 10.84
N PHE A 831 -12.71 11.06 11.10
CA PHE A 831 -12.15 11.00 12.50
C PHE A 831 -11.57 9.64 12.81
N SER A 832 -12.13 8.57 12.22
CA SER A 832 -11.60 7.20 12.39
C SER A 832 -11.70 6.76 13.86
N PHE A 833 -12.90 6.92 14.43
CA PHE A 833 -13.32 6.20 15.60
C PHE A 833 -12.88 4.73 15.52
N SER A 834 -12.79 4.18 14.33
CA SER A 834 -12.53 2.78 14.18
C SER A 834 -11.09 2.45 14.61
N ASN A 835 -10.12 3.26 14.14
CA ASN A 835 -8.73 3.05 14.50
C ASN A 835 -8.46 3.43 15.98
N LEU A 836 -9.17 4.42 16.48
CA LEU A 836 -9.07 4.83 17.85
C LEU A 836 -9.51 3.74 18.81
N ILE A 837 -10.59 3.05 18.44
CA ILE A 837 -11.14 1.99 19.28
C ILE A 837 -10.22 0.82 19.33
N GLN A 838 -9.72 0.41 18.18
CA GLN A 838 -8.78 -0.68 18.08
C GLN A 838 -7.49 -0.37 18.90
N GLY A 839 -7.04 0.87 18.84
CA GLY A 839 -5.80 1.27 19.44
C GLY A 839 -5.91 1.16 20.96
N VAL A 840 -6.97 1.77 21.51
CA VAL A 840 -7.12 1.88 22.95
C VAL A 840 -7.57 0.55 23.63
N THR A 841 -8.15 -0.36 22.88
CA THR A 841 -8.60 -1.64 23.42
C THR A 841 -7.72 -2.82 23.06
N ARG A 842 -6.70 -2.53 22.24
CA ARG A 842 -5.76 -3.52 21.75
C ARG A 842 -5.27 -4.43 22.88
N ARG A 843 -4.99 -3.85 24.03
CA ARG A 843 -4.36 -4.57 25.13
C ARG A 843 -5.32 -5.49 25.91
N PHE A 844 -6.61 -5.24 25.82
CA PHE A 844 -7.58 -5.88 26.69
C PHE A 844 -7.49 -7.39 26.58
N SER A 845 -7.46 -8.06 27.73
CA SER A 845 -7.17 -9.49 27.70
C SER A 845 -7.63 -10.22 28.94
N SER A 846 -8.56 -9.62 29.66
CA SER A 846 -9.14 -10.26 30.82
C SER A 846 -10.65 -10.11 30.85
N GLU A 847 -11.29 -11.01 31.60
CA GLU A 847 -12.76 -10.93 31.81
C GLU A 847 -13.16 -9.52 32.27
N PHE A 848 -12.39 -8.97 33.23
CA PHE A 848 -12.70 -7.67 33.82
C PHE A 848 -12.72 -6.53 32.81
N GLU A 849 -11.77 -6.54 31.89
CA GLU A 849 -11.69 -5.53 30.86
C GLU A 849 -12.75 -5.75 29.80
N LEU A 850 -13.14 -7.00 29.57
CA LEU A 850 -14.29 -7.33 28.73
C LEU A 850 -15.58 -6.79 29.34
N GLN A 851 -15.74 -6.95 30.65
CA GLN A 851 -16.90 -6.42 31.36
C GLN A 851 -16.97 -4.91 31.20
N GLN A 852 -15.82 -4.27 31.06
CA GLN A 852 -15.75 -2.82 30.89
C GLN A 852 -16.15 -2.40 29.52
N LEU A 853 -15.69 -3.13 28.51
CA LEU A 853 -16.04 -2.83 27.13
C LEU A 853 -17.53 -2.97 26.95
N GLU A 854 -18.10 -4.05 27.49
CA GLU A 854 -19.55 -4.25 27.48
C GLU A 854 -20.27 -3.08 28.10
N GLN A 855 -19.94 -2.76 29.36
CA GLN A 855 -20.58 -1.67 30.08
C GLN A 855 -20.48 -0.32 29.36
N PHE A 856 -19.40 -0.11 28.63
CA PHE A 856 -19.23 1.10 27.84
C PHE A 856 -20.10 1.07 26.57
N LYS A 857 -20.43 -0.14 26.09
CA LYS A 857 -21.33 -0.29 24.95
C LYS A 857 -22.72 0.13 25.33
N LYS A 858 -23.02 0.03 26.61
CA LYS A 858 -24.31 0.42 27.14
C LYS A 858 -24.38 1.96 27.28
N ASN A 859 -23.90 2.58 26.24
CA ASN A 859 -24.11 3.94 25.93
C ASN A 859 -24.58 3.83 24.42
N ASN A 860 -25.49 2.86 24.19
CA ASN A 860 -26.01 2.58 22.84
C ASN A 860 -27.09 3.60 22.52
N MET A 861 -27.88 3.94 23.54
CA MET A 861 -29.04 4.88 23.41
C MET A 861 -28.45 6.25 23.02
N ASP A 862 -28.33 6.47 21.71
CA ASP A 862 -27.88 7.75 21.17
C ASP A 862 -26.39 7.81 21.03
N VAL A 863 -25.95 8.77 20.22
CA VAL A 863 -24.53 8.98 19.84
C VAL A 863 -23.98 7.80 19.08
N GLY A 864 -24.36 6.56 19.48
CA GLY A 864 -23.88 5.33 18.80
C GLY A 864 -22.37 5.33 18.67
N PHE A 865 -21.85 4.88 17.54
CA PHE A 865 -20.39 4.77 17.34
C PHE A 865 -19.89 5.19 15.96
N GLY A 866 -20.83 5.54 15.06
CA GLY A 866 -20.44 6.03 13.74
C GLY A 866 -19.70 5.02 12.86
N SER A 867 -18.54 5.44 12.35
CA SER A 867 -17.71 4.59 11.46
C SER A 867 -16.89 3.58 12.28
N GLY A 868 -17.09 3.60 13.61
CA GLY A 868 -16.38 2.69 14.49
C GLY A 868 -17.32 1.66 15.06
N THR A 869 -18.57 1.67 14.61
CA THR A 869 -19.58 0.71 15.09
C THR A 869 -19.09 -0.72 14.93
N ARG A 870 -18.58 -1.03 13.74
CA ARG A 870 -18.07 -2.38 13.47
C ARG A 870 -16.80 -2.64 14.28
N ALA A 871 -16.00 -1.59 14.43
CA ALA A 871 -14.75 -1.70 15.20
C ALA A 871 -15.04 -2.15 16.63
N LEU A 872 -16.05 -1.55 17.25
CA LEU A 872 -16.42 -1.91 18.63
C LEU A 872 -16.83 -3.38 18.79
N GLU A 873 -17.41 -3.99 17.76
CA GLU A 873 -17.75 -5.42 17.85
C GLU A 873 -16.52 -6.27 17.67
N GLN A 874 -15.67 -5.89 16.72
CA GLN A 874 -14.35 -6.48 16.54
C GLN A 874 -13.59 -6.43 17.87
N ALA A 875 -13.72 -5.33 18.62
CA ALA A 875 -13.00 -5.15 19.88
C ALA A 875 -13.44 -6.16 20.89
N LEU A 876 -14.74 -6.35 20.99
CA LEU A 876 -15.30 -7.31 21.96
C LEU A 876 -14.94 -8.71 21.59
N GLU A 877 -14.87 -9.00 20.29
CA GLU A 877 -14.50 -10.32 19.82
C GLU A 877 -12.99 -10.57 19.94
N LYS A 878 -12.19 -9.54 19.65
CA LYS A 878 -10.75 -9.65 19.84
C LYS A 878 -10.38 -9.87 21.31
N THR A 879 -11.07 -9.16 22.20
CA THR A 879 -10.86 -9.32 23.64
C THR A 879 -11.11 -10.75 24.15
N LYS A 880 -12.23 -11.35 23.71
CA LYS A 880 -12.52 -12.75 24.00
C LYS A 880 -11.37 -13.64 23.54
N ALA A 881 -10.90 -13.43 22.29
CA ALA A 881 -9.77 -14.17 21.80
C ALA A 881 -8.50 -13.99 22.62
N ASN A 882 -8.24 -12.76 23.06
CA ASN A 882 -7.08 -12.46 23.95
C ASN A 882 -7.18 -13.13 25.31
N ILE A 883 -8.36 -13.06 25.92
CA ILE A 883 -8.65 -13.76 27.17
C ILE A 883 -8.27 -15.22 27.02
N LYS A 884 -8.70 -15.83 25.89
CA LYS A 884 -8.49 -17.26 25.72
C LYS A 884 -7.01 -17.57 25.47
N TRP A 885 -6.34 -16.71 24.71
CA TRP A 885 -4.94 -16.96 24.39
C TRP A 885 -4.04 -16.79 25.62
N VAL A 886 -4.37 -15.82 26.50
CA VAL A 886 -3.56 -15.61 27.70
C VAL A 886 -3.69 -16.75 28.70
N LYS A 887 -4.89 -17.31 28.86
CA LYS A 887 -5.10 -18.44 29.77
C LYS A 887 -4.31 -19.67 29.29
N GLU A 888 -4.32 -19.89 27.98
CA GLU A 888 -3.60 -21.00 27.37
C GLU A 888 -2.08 -20.86 27.43
N ASN A 889 -1.58 -19.62 27.46
CA ASN A 889 -0.17 -19.38 27.18
C ASN A 889 0.66 -18.81 28.34
N LYS A 890 -0.01 -18.14 29.27
CA LYS A 890 0.71 -17.34 30.28
C LYS A 890 1.73 -18.17 31.05
N GLU A 891 1.35 -19.39 31.45
CA GLU A 891 2.22 -20.20 32.27
C GLU A 891 3.42 -20.70 31.51
N VAL A 892 3.13 -21.32 30.35
CA VAL A 892 4.21 -21.81 29.47
C VAL A 892 5.20 -20.70 29.09
N VAL A 893 4.66 -19.53 28.74
CA VAL A 893 5.50 -18.42 28.33
C VAL A 893 6.31 -17.83 29.48
N LEU A 894 5.69 -17.64 30.63
CA LEU A 894 6.40 -17.12 31.79
C LEU A 894 7.64 -17.93 32.13
N ASN A 895 7.47 -19.25 32.15
CA ASN A 895 8.56 -20.14 32.50
C ASN A 895 9.62 -20.23 31.47
N TRP A 896 9.26 -20.10 30.19
CA TRP A 896 10.25 -20.10 29.14
C TRP A 896 11.16 -18.88 29.28
N PHE A 897 10.57 -17.70 29.50
CA PHE A 897 11.36 -16.49 29.64
C PHE A 897 12.24 -16.55 30.88
N ILE A 898 11.66 -16.94 32.01
CA ILE A 898 12.44 -17.15 33.24
C ILE A 898 13.63 -18.05 32.93
N GLU A 899 13.35 -19.18 32.32
CA GLU A 899 14.40 -20.16 32.03
C GLU A 899 15.50 -19.64 31.09
N HIS A 900 15.14 -18.78 30.11
CA HIS A 900 16.12 -18.38 29.12
C HIS A 900 16.70 -16.99 29.29
N SER A 901 16.28 -16.30 30.35
CA SER A 901 16.76 -14.94 30.60
C SER A 901 17.96 -14.91 31.47
N SER A 902 18.61 -16.10 31.66
CA SER A 902 19.80 -16.22 32.51
C SER A 902 19.41 -16.15 33.98
C1 NAG B . -10.86 19.00 -31.57
C2 NAG B . -11.74 19.34 -32.76
C3 NAG B . -10.86 19.52 -34.00
C4 NAG B . -9.80 20.53 -33.73
C5 NAG B . -8.97 20.14 -32.49
C6 NAG B . -8.03 21.25 -32.04
C7 NAG B . -13.91 18.37 -33.28
C8 NAG B . -14.63 17.08 -33.56
N2 NAG B . -12.63 18.25 -33.01
O3 NAG B . -11.67 19.97 -35.07
O4 NAG B . -8.99 20.63 -34.89
O5 NAG B . -9.82 19.96 -31.41
O6 NAG B . -8.78 22.49 -31.77
O7 NAG B . -14.50 19.45 -33.32
C1 NAG B . -8.69 22.00 -35.27
C2 NAG B . -7.53 21.95 -36.21
C3 NAG B . -7.18 23.25 -36.96
C4 NAG B . -8.33 24.26 -37.12
C5 NAG B . -9.45 24.06 -36.12
C6 NAG B . -10.71 24.81 -36.54
C7 NAG B . -5.74 20.32 -35.74
C8 NAG B . -6.31 19.46 -36.79
N2 NAG B . -6.33 21.50 -35.49
O3 NAG B . -6.72 22.85 -38.28
O4 NAG B . -7.72 25.53 -36.79
O5 NAG B . -9.78 22.63 -35.92
O6 NAG B . -11.88 23.97 -36.33
O7 NAG B . -4.73 19.99 -35.16
C1 NAG B . -7.71 26.51 -37.89
C2 NAG B . -7.18 25.82 -39.16
C3 NAG B . -7.90 26.14 -40.45
C4 NAG B . -9.18 26.96 -40.37
C5 NAG B . -9.08 27.96 -39.22
C6 NAG B . -10.33 28.83 -39.05
C7 NAG B . -5.06 25.82 -40.39
C8 NAG B . -3.54 26.06 -40.30
N2 NAG B . -5.72 26.00 -39.24
O3 NAG B . -8.20 24.82 -41.01
O4 NAG B . -9.29 27.71 -41.64
O5 NAG B . -8.99 27.15 -38.05
O6 NAG B . -10.31 29.87 -40.01
O7 NAG B . -5.63 25.56 -41.50
C1 NAG C . -25.92 22.13 -10.38
C2 NAG C . -25.25 23.22 -9.56
C3 NAG C . -25.80 23.16 -8.12
C4 NAG C . -27.33 23.24 -8.10
C5 NAG C . -27.88 22.21 -9.05
C6 NAG C . -29.39 22.26 -9.22
C7 NAG C . -22.99 23.65 -10.36
C8 NAG C . -21.54 23.30 -10.14
N2 NAG C . -23.82 23.07 -9.56
O3 NAG C . -25.22 24.24 -7.38
O4 NAG C . -27.77 22.88 -6.78
O5 NAG C . -27.33 22.45 -10.35
O6 NAG C . -29.76 23.36 -10.03
O7 NAG C . -23.32 24.38 -11.26
C1 NAG C . -28.48 23.98 -6.12
C2 NAG C . -29.33 23.36 -5.02
C3 NAG C . -29.92 24.37 -4.00
C4 NAG C . -29.25 25.75 -3.88
C5 NAG C . -28.26 26.09 -5.03
C6 NAG C . -27.18 26.99 -4.49
C7 NAG C . -30.41 21.28 -5.72
C8 NAG C . -31.62 20.70 -6.40
N2 NAG C . -30.43 22.63 -5.66
O3 NAG C . -29.76 23.78 -2.68
O4 NAG C . -30.40 26.68 -4.02
O5 NAG C . -27.58 24.91 -5.51
O6 NAG C . -26.42 27.39 -5.69
O7 NAG C . -29.44 20.57 -5.26
C1 NAG C . -30.34 27.85 -3.14
C2 NAG C . -30.36 27.56 -1.62
C3 NAG C . -30.44 28.87 -0.85
C4 NAG C . -29.61 30.05 -1.42
C5 NAG C . -29.52 30.06 -2.96
C6 NAG C . -28.37 30.98 -3.40
C7 NAG C . -31.67 25.77 -0.49
C8 NAG C . -33.03 25.08 -0.39
N2 NAG C . -31.60 26.82 -1.38
O3 NAG C . -29.97 28.65 0.52
O4 NAG C . -30.28 31.29 -1.03
O5 NAG C . -29.25 28.74 -3.43
O6 NAG C . -27.35 30.17 -4.03
O7 NAG C . -30.65 25.36 0.19
C1 NAG D . -7.55 15.03 -31.48
C2 NAG D . -8.70 14.81 -32.44
C3 NAG D . -8.25 13.91 -33.58
C4 NAG D . -7.01 14.45 -34.23
C5 NAG D . -5.92 14.65 -33.14
C6 NAG D . -4.52 15.07 -33.64
C7 NAG D . -11.06 14.88 -31.93
C8 NAG D . -12.19 14.23 -31.15
N2 NAG D . -9.87 14.30 -31.78
O3 NAG D . -9.33 13.82 -34.48
O4 NAG D . -6.52 13.44 -35.11
O5 NAG D . -6.42 15.51 -32.17
O6 NAG D . -4.60 16.34 -34.24
O7 NAG D . -11.28 15.84 -32.66
C1 NAG D . -6.86 13.75 -36.46
C2 NAG D . -5.88 13.10 -37.39
C3 NAG D . -6.27 13.36 -38.88
C4 NAG D . -7.73 13.00 -39.10
C5 NAG D . -8.58 13.67 -38.04
C6 NAG D . -10.09 13.47 -38.17
C7 NAG D . -3.63 12.73 -36.55
C8 NAG D . -2.24 13.30 -36.40
N2 NAG D . -4.49 13.53 -37.14
O3 NAG D . -5.43 12.58 -39.74
O4 NAG D . -8.09 13.61 -40.35
O5 NAG D . -8.11 13.16 -36.77
O6 NAG D . -10.35 12.09 -37.69
O7 NAG D . -3.94 11.60 -36.14
C1 NAG E . -1.00 34.80 -9.51
C2 NAG E . 0.00 34.82 -8.33
C3 NAG E . -0.79 34.95 -7.04
C4 NAG E . -1.77 36.11 -7.09
C5 NAG E . -2.66 36.06 -8.33
C6 NAG E . -3.46 37.35 -8.47
C7 NAG E . 1.98 33.49 -8.88
C8 NAG E . 2.66 32.12 -8.77
N2 NAG E . 0.78 33.61 -8.29
O3 NAG E . 0.11 35.11 -5.94
O4 NAG E . -2.63 35.82 -5.98
O5 NAG E . -1.85 35.97 -9.52
O6 NAG E . -2.50 38.50 -8.56
O7 NAG E . 2.51 34.41 -9.52
C1 NAG E . -2.56 36.83 -4.92
C2 NAG E . -3.81 36.60 -4.08
C3 NAG E . -3.78 37.60 -2.92
C4 NAG E . -2.53 37.33 -2.08
C5 NAG E . -1.32 37.56 -3.00
C6 NAG E . -0.01 37.34 -2.24
C7 NAG E . -5.71 35.47 -5.12
C8 NAG E . -7.04 35.54 -5.81
N2 NAG E . -5.07 36.64 -4.86
O3 NAG E . -4.97 37.46 -2.13
O4 NAG E . -2.49 38.28 -0.99
O5 NAG E . -1.43 36.60 -4.08
O6 NAG E . 1.07 37.80 -3.10
O7 NAG E . -5.26 34.35 -4.76
C1 NAG F . 21.33 12.73 -6.03
C2 NAG F . 21.57 12.73 -4.53
C3 NAG F . 22.82 13.52 -4.14
C4 NAG F . 24.04 13.14 -5.01
C5 NAG F . 23.65 13.16 -6.46
C6 NAG F . 24.77 12.77 -7.38
C7 NAG F . 19.86 12.62 -2.82
C8 NAG F . 18.77 13.35 -2.05
N2 NAG F . 20.47 13.34 -3.80
O3 NAG F . 23.11 13.25 -2.77
O4 NAG F . 25.03 14.17 -4.80
O5 NAG F . 22.54 12.28 -6.65
O6 NAG F . 25.03 11.36 -7.19
O7 NAG F . 20.13 11.43 -2.54
C1 NAG F . 25.99 13.72 -3.79
C2 NAG F . 27.37 14.28 -4.19
C3 NAG F . 28.40 14.14 -3.07
C4 NAG F . 27.85 14.25 -1.64
C5 NAG F . 26.44 13.72 -1.49
C6 NAG F . 25.82 14.17 -0.15
C7 NAG F . 27.91 14.06 -6.59
C8 NAG F . 28.33 13.12 -7.67
N2 NAG F . 27.79 13.51 -5.37
O3 NAG F . 29.38 15.17 -3.28
O4 NAG F . 28.63 13.39 -0.76
O5 NAG F . 25.63 14.32 -2.54
O6 NAG F . 25.75 15.64 -0.11
O7 NAG F . 27.70 15.20 -6.85
C1 NAG F . 29.60 14.04 0.13
C2 NAG F . 30.87 14.45 -0.65
C3 NAG F . 31.96 14.70 0.42
C4 NAG F . 31.43 15.82 1.34
C5 NAG F . 30.09 15.43 1.99
C6 NAG F . 29.59 16.60 2.85
C7 NAG F . 32.35 12.92 -2.02
C8 NAG F . 32.24 11.73 -2.95
N2 NAG F . 31.13 13.35 -1.61
O3 NAG F . 33.18 15.20 -0.24
O4 NAG F . 32.40 16.05 2.41
O5 NAG F . 29.15 15.16 0.93
O6 NAG F . 30.39 17.81 2.69
O7 NAG F . 33.47 13.44 -1.58
C1 NAG G . 13.85 -6.77 -27.12
C2 NAG G . 14.73 -5.61 -27.52
C3 NAG G . 15.59 -5.98 -28.76
C4 NAG G . 16.28 -7.33 -28.61
C5 NAG G . 15.30 -8.43 -28.10
C6 NAG G . 15.99 -9.74 -27.82
C7 NAG G . 13.67 -3.46 -26.96
C8 NAG G . 12.77 -2.36 -27.46
N2 NAG G . 13.88 -4.47 -27.83
O3 NAG G . 16.65 -4.99 -28.80
O4 NAG G . 16.75 -7.73 -29.92
O5 NAG G . 14.69 -7.96 -26.89
O6 NAG G . 17.06 -9.46 -26.80
O7 NAG G . 14.17 -3.46 -25.80
C1 NAG G . 18.06 -8.37 -29.79
C2 NAG G . 18.41 -9.10 -31.09
C3 NAG G . 19.86 -9.62 -31.02
C4 NAG G . 20.75 -8.43 -30.75
C5 NAG G . 20.36 -7.85 -29.38
C6 NAG G . 21.18 -6.66 -28.85
C7 NAG G . 16.52 -10.12 -32.25
C8 NAG G . 15.57 -11.27 -32.40
N2 NAG G . 17.49 -10.21 -31.34
O3 NAG G . 20.22 -10.21 -32.30
O4 NAG G . 22.11 -8.87 -30.78
O5 NAG G . 19.01 -7.35 -29.51
O6 NAG G . 22.32 -6.46 -29.76
O7 NAG G . 16.36 -9.07 -32.95
C1 NAG H . -10.09 -5.16 -25.97
C2 NAG H . -10.63 -4.35 -27.14
C3 NAG H . -10.70 -5.15 -28.46
C4 NAG H . -9.41 -5.93 -28.76
C5 NAG H . -9.06 -6.72 -27.52
C6 NAG H . -7.76 -7.51 -27.67
C7 NAG H . -12.30 -2.64 -26.97
C8 NAG H . -13.71 -2.27 -26.61
N2 NAG H . -11.92 -3.90 -26.78
O3 NAG H . -10.89 -4.24 -29.53
O4 NAG H . -9.69 -6.83 -29.83
O5 NAG H . -8.87 -5.82 -26.44
O6 NAG H . -7.49 -8.18 -26.44
O7 NAG H . -11.53 -1.84 -27.45
C1 NAG H . -8.75 -6.72 -30.93
C2 NAG H . -8.77 -7.94 -31.85
C3 NAG H . -7.78 -7.85 -32.98
C4 NAG H . -7.86 -6.50 -33.66
C5 NAG H . -7.79 -5.41 -32.62
C6 NAG H . -7.53 -4.00 -33.18
C7 NAG H . -9.64 -9.79 -30.60
C8 NAG H . -11.00 -9.33 -31.03
N2 NAG H . -8.56 -9.15 -31.03
O3 NAG H . -8.09 -8.86 -33.97
O4 NAG H . -6.69 -6.39 -34.55
O5 NAG H . -8.93 -5.54 -31.74
O6 NAG H . -8.82 -3.46 -33.48
O7 NAG H . -9.64 -10.80 -29.92
C1 NAG I . 4.31 -42.08 5.26
C2 NAG I . 3.63 -42.44 6.59
C3 NAG I . 3.46 -43.96 6.62
C4 NAG I . 2.63 -44.42 5.43
C5 NAG I . 3.13 -43.83 4.10
C6 NAG I . 2.00 -44.00 3.09
C7 NAG I . 4.47 -40.86 8.31
C8 NAG I . 3.49 -39.77 7.77
N2 NAG I . 4.49 -42.07 7.73
O3 NAG I . 2.73 -44.21 7.79
O4 NAG I . 2.75 -45.86 5.34
O5 NAG I . 3.41 -42.44 4.22
O6 NAG I . 2.31 -43.46 1.84
O7 NAG I . 5.25 -40.69 9.30
C1 NAG I . 1.46 -46.52 5.29
C2 NAG I . 1.64 -47.87 4.58
C3 NAG I . 0.28 -48.56 4.47
C4 NAG I . -0.27 -48.76 5.88
C5 NAG I . -0.41 -47.37 6.53
C6 NAG I . -0.94 -47.44 7.95
C7 NAG I . 3.57 -48.07 3.07
C8 NAG I . 4.35 -48.59 4.28
N2 NAG I . 2.26 -47.74 3.26
O3 NAG I . 0.42 -49.83 3.82
O4 NAG I . -1.54 -49.45 5.79
O5 NAG I . 0.95 -46.77 6.63
O6 NAG I . -2.33 -47.86 7.83
O7 NAG I . 4.12 -47.93 1.95
C1 NAG J . 18.30 -16.02 -1.73
C2 NAG J . 18.97 -16.39 -3.06
C3 NAG J . 20.36 -15.75 -3.16
C4 NAG J . 20.34 -14.27 -2.79
C5 NAG J . 19.63 -14.06 -1.46
C6 NAG J . 19.54 -12.58 -1.12
C7 NAG J . 18.30 -18.50 -4.06
C8 NAG J . 18.45 -19.96 -4.15
N2 NAG J . 19.03 -17.83 -3.18
O3 NAG J . 20.77 -15.89 -4.52
O4 NAG J . 21.70 -13.82 -2.62
O5 NAG J . 18.30 -14.57 -1.57
O6 NAG J . 19.05 -12.39 0.23
O7 NAG J . 17.46 -18.00 -4.82
C1 NAG J . 22.08 -13.02 -3.76
C2 NAG J . 23.14 -12.04 -3.37
C3 NAG J . 23.45 -11.12 -4.53
C4 NAG J . 23.78 -11.93 -5.81
C5 NAG J . 22.94 -13.16 -6.00
C6 NAG J . 23.67 -14.14 -6.91
C7 NAG J . 23.35 -11.52 -1.00
C8 NAG J . 22.98 -10.53 0.06
N2 NAG J . 22.84 -11.22 -2.22
O3 NAG J . 24.67 -10.35 -4.19
O4 NAG J . 23.54 -11.01 -6.91
O5 NAG J . 22.70 -13.88 -4.72
O6 NAG J . 24.95 -14.53 -6.23
O7 NAG J . 24.03 -12.55 -0.74
C1 NAG K . -17.44 -24.42 13.96
C2 NAG K . -17.93 -23.58 15.12
C3 NAG K . -17.59 -24.38 16.41
C4 NAG K . -18.32 -25.71 16.30
C5 NAG K . -17.87 -26.47 15.05
C6 NAG K . -18.54 -27.84 14.95
C7 NAG K . -16.10 -21.87 15.37
C8 NAG K . -15.75 -20.41 15.17
N2 NAG K . -17.37 -22.22 15.07
O3 NAG K . -18.16 -23.65 17.55
O4 NAG K . -18.01 -26.48 17.49
O5 NAG K . -18.22 -25.67 13.89
O6 NAG K . -17.43 -28.80 15.03
O7 NAG K . -15.23 -22.71 15.75
C1 NAG L . 30.26 -20.69 8.21
C2 NAG L . 31.80 -20.81 8.12
C3 NAG L . 32.40 -20.06 6.94
C4 NAG L . 31.67 -20.42 5.68
C5 NAG L . 30.18 -20.12 5.87
C6 NAG L . 29.33 -20.44 4.63
C7 NAG L . 32.89 -20.93 10.30
C8 NAG L . 33.45 -20.11 11.45
N2 NAG L . 32.35 -20.19 9.35
O3 NAG L . 33.78 -20.53 6.79
O4 NAG L . 32.24 -19.72 4.52
O5 NAG L . 29.75 -21.03 6.91
O6 NAG L . 29.23 -21.93 4.49
O7 NAG L . 32.92 -22.20 10.22
N GLY M . -3.65 2.74 -8.31
CA GLY M . -3.49 3.61 -7.08
C GLY M . -2.50 2.90 -6.09
O GLY M . -1.61 3.59 -5.46
OXT GLY M . -2.46 1.71 -6.05
S SO4 N . -7.93 -2.30 -14.52
O1 SO4 N . -9.28 -1.67 -14.35
O2 SO4 N . -6.54 -1.97 -13.57
O3 SO4 N . -7.88 -1.92 -16.03
O4 SO4 N . -7.91 -3.74 -13.69
S SO4 O . -9.19 20.34 -27.43
O1 SO4 O . -9.64 21.77 -27.95
O2 SO4 O . -10.55 20.03 -26.69
O3 SO4 O . -8.74 19.76 -28.86
O4 SO4 O . -8.04 20.06 -26.44
S SO4 P . 1.86 4.89 -1.05
O1 SO4 P . 2.02 6.32 -1.68
O2 SO4 P . 1.15 5.38 0.35
O3 SO4 P . 1.07 3.82 -1.95
O4 SO4 P . 3.29 4.17 -0.53
S SO4 Q . -15.71 26.60 -20.80
O1 SO4 Q . -15.28 28.20 -20.41
O2 SO4 Q . -17.30 26.47 -20.67
O3 SO4 Q . -14.88 25.82 -19.80
O4 SO4 Q . -15.06 25.94 -22.19
S SO4 R . 14.28 -4.20 34.63
O1 SO4 R . 12.82 -4.00 35.24
O2 SO4 R . 15.47 -3.56 35.33
O3 SO4 R . 14.14 -3.61 33.10
O4 SO4 R . 14.64 -5.71 34.51
S SO4 S . 12.76 -12.16 -6.85
O1 SO4 S . 12.33 -11.51 -8.13
O2 SO4 S . 12.60 -11.25 -5.57
O3 SO4 S . 11.94 -13.46 -6.76
O4 SO4 S . 14.31 -12.50 -6.96
S SO4 T . -15.27 34.35 -19.73
O1 SO4 T . -15.66 35.75 -20.40
O2 SO4 T . -14.16 34.88 -18.61
O3 SO4 T . -16.43 33.66 -18.87
O4 SO4 T . -14.98 33.46 -21.00
S SO4 U . -3.84 -2.05 0.15
O1 SO4 U . -3.41 -0.54 -0.33
O2 SO4 U . -4.41 -2.38 1.58
O3 SO4 U . -4.87 -2.56 -0.95
O4 SO4 U . -2.42 -2.90 0.23
S SO4 V . -4.40 18.48 -31.24
O1 SO4 V . -4.88 20.04 -31.39
O2 SO4 V . -4.69 17.79 -29.86
O3 SO4 V . -5.50 17.84 -32.15
O4 SO4 V . -2.84 18.05 -31.55
S SO4 W . -30.28 -5.03 -24.80
O1 SO4 W . -30.71 -3.61 -25.34
O2 SO4 W . -29.49 -4.76 -23.46
O3 SO4 W . -31.45 -6.09 -24.37
O4 SO4 W . -29.27 -5.87 -25.76
ZN ZN X . -0.32 0.32 -8.50
#